data_1X3Q
#
_entry.id   1X3Q
#
_entity_poly.entity_id   1
_entity_poly.type   'polypeptide(L)'
_entity_poly.pdbx_seq_one_letter_code
;GSQVFEYAEVDEIVEKRGKGKDVEYLVRWKDGGDCEWVKGVHVAEDVAKDYEDGLEY
;
_entity_poly.pdbx_strand_id   A
#
# COMPACT_ATOMS: atom_id res chain seq x y z
N GLY A 1 -9.90 9.53 -10.08
CA GLY A 1 -9.56 8.58 -8.99
C GLY A 1 -8.09 8.63 -8.60
N SER A 2 -7.83 8.64 -7.30
CA SER A 2 -6.46 8.69 -6.80
C SER A 2 -6.46 8.62 -5.26
N GLN A 3 -5.43 9.19 -4.63
CA GLN A 3 -5.34 9.17 -3.17
C GLN A 3 -6.59 9.77 -2.55
N VAL A 4 -7.32 8.96 -1.79
CA VAL A 4 -8.54 9.45 -1.14
C VAL A 4 -8.25 10.42 -0.01
N PHE A 5 -7.84 9.88 1.13
CA PHE A 5 -7.57 10.68 2.30
C PHE A 5 -6.31 11.50 2.03
N GLU A 6 -5.53 11.75 3.07
CA GLU A 6 -4.29 12.49 2.94
C GLU A 6 -3.26 11.59 2.26
N TYR A 7 -3.13 10.39 2.82
CA TYR A 7 -2.21 9.38 2.32
C TYR A 7 -0.76 9.77 2.51
N ALA A 8 -0.43 10.29 3.70
CA ALA A 8 0.93 10.68 4.02
C ALA A 8 1.39 9.89 5.23
N GLU A 9 1.24 8.57 5.18
CA GLU A 9 1.61 7.71 6.27
C GLU A 9 3.06 7.95 6.63
N VAL A 10 3.87 8.05 5.59
CA VAL A 10 5.30 8.27 5.75
C VAL A 10 5.84 7.33 6.81
N ASP A 11 5.28 6.13 6.80
CA ASP A 11 5.64 5.06 7.77
C ASP A 11 4.56 3.96 7.88
N GLU A 12 3.30 4.27 7.57
CA GLU A 12 2.20 3.28 7.72
C GLU A 12 1.45 2.97 6.42
N ILE A 13 2.07 2.17 5.54
CA ILE A 13 1.49 1.75 4.25
C ILE A 13 0.55 2.74 3.54
N VAL A 14 0.91 3.09 2.30
CA VAL A 14 0.12 3.98 1.46
C VAL A 14 -0.43 3.23 0.26
N GLU A 15 0.27 2.20 -0.19
CA GLU A 15 -0.20 1.51 -1.37
C GLU A 15 -0.10 -0.01 -1.28
N LYS A 16 -0.43 -0.67 -2.38
CA LYS A 16 -0.42 -2.11 -2.45
C LYS A 16 -0.81 -2.62 -3.83
N ARG A 17 -1.23 -3.89 -3.91
CA ARG A 17 -1.67 -4.51 -5.16
C ARG A 17 -0.49 -5.15 -5.90
N GLY A 18 -0.64 -6.43 -6.23
CA GLY A 18 0.42 -7.12 -6.93
C GLY A 18 -0.09 -8.30 -7.75
N LYS A 19 0.76 -9.28 -7.96
CA LYS A 19 0.39 -10.47 -8.72
C LYS A 19 -0.62 -11.31 -7.95
N GLY A 20 -1.39 -12.13 -8.66
CA GLY A 20 -2.38 -12.98 -8.00
C GLY A 20 -1.83 -13.64 -6.76
N LYS A 21 -0.56 -14.00 -6.79
CA LYS A 21 0.11 -14.63 -5.66
C LYS A 21 1.31 -13.81 -5.22
N ASP A 22 1.09 -12.50 -5.06
CA ASP A 22 2.15 -11.59 -4.64
C ASP A 22 1.60 -10.18 -4.48
N VAL A 23 1.53 -9.75 -3.24
CA VAL A 23 1.02 -8.42 -2.89
C VAL A 23 1.83 -7.85 -1.75
N GLU A 24 1.70 -6.55 -1.51
CA GLU A 24 2.45 -5.92 -0.42
C GLU A 24 1.89 -4.57 -0.07
N TYR A 25 2.10 -4.18 1.18
CA TYR A 25 1.63 -2.91 1.71
C TYR A 25 2.75 -2.21 2.44
N LEU A 26 3.27 -1.19 1.78
CA LEU A 26 4.39 -0.42 2.29
C LEU A 26 4.82 0.56 1.20
N VAL A 27 4.01 1.60 0.99
CA VAL A 27 4.29 2.57 -0.05
C VAL A 27 4.07 4.02 0.43
N ARG A 28 4.51 4.34 1.64
CA ARG A 28 4.29 5.66 2.21
C ARG A 28 5.50 6.34 2.80
N TRP A 29 6.29 5.56 3.50
CA TRP A 29 7.46 6.05 4.15
C TRP A 29 8.31 6.93 3.22
N LYS A 30 9.19 6.29 2.47
CA LYS A 30 10.07 6.97 1.55
C LYS A 30 9.36 7.19 0.21
N ASP A 31 9.58 6.26 -0.73
CA ASP A 31 8.95 6.31 -2.05
C ASP A 31 8.98 7.73 -2.64
N GLY A 32 8.28 7.89 -3.75
CA GLY A 32 8.21 9.16 -4.42
C GLY A 32 7.73 9.01 -5.85
N GLY A 33 8.51 8.29 -6.65
CA GLY A 33 8.15 8.04 -8.02
C GLY A 33 7.30 6.79 -8.17
N ASP A 34 7.74 5.71 -7.52
CA ASP A 34 7.03 4.44 -7.57
C ASP A 34 6.81 3.89 -6.15
N CYS A 35 6.40 2.63 -6.07
CA CYS A 35 6.17 1.97 -4.79
C CYS A 35 7.41 1.18 -4.37
N GLU A 36 7.62 1.06 -3.07
CA GLU A 36 8.78 0.33 -2.55
C GLU A 36 8.43 -0.64 -1.43
N TRP A 37 7.18 -1.09 -1.35
CA TRP A 37 6.82 -2.03 -0.28
C TRP A 37 7.73 -3.25 -0.30
N VAL A 38 7.43 -4.23 0.54
CA VAL A 38 8.24 -5.44 0.59
C VAL A 38 7.39 -6.69 0.37
N LYS A 39 6.49 -6.92 1.31
CA LYS A 39 5.59 -8.05 1.29
C LYS A 39 4.31 -7.75 2.08
N GLY A 40 3.21 -8.27 1.57
CA GLY A 40 1.93 -8.07 2.21
C GLY A 40 1.73 -9.02 3.37
N VAL A 41 1.90 -10.31 3.09
CA VAL A 41 1.75 -11.35 4.11
C VAL A 41 2.41 -10.93 5.41
N HIS A 42 3.57 -10.28 5.28
CA HIS A 42 4.30 -9.78 6.41
C HIS A 42 3.70 -8.45 6.87
N VAL A 43 3.30 -7.63 5.91
CA VAL A 43 2.69 -6.34 6.22
C VAL A 43 1.17 -6.41 6.18
N ALA A 44 0.60 -7.53 6.61
CA ALA A 44 -0.85 -7.69 6.63
C ALA A 44 -1.44 -7.51 5.24
N GLU A 45 -1.14 -8.45 4.35
CA GLU A 45 -1.64 -8.37 2.98
C GLU A 45 -3.16 -8.25 2.94
N ASP A 46 -3.84 -9.15 3.64
CA ASP A 46 -5.30 -9.15 3.65
C ASP A 46 -5.90 -8.18 4.67
N VAL A 47 -5.10 -7.22 5.13
CA VAL A 47 -5.59 -6.23 6.08
C VAL A 47 -5.60 -4.86 5.45
N ALA A 48 -4.52 -4.56 4.74
CA ALA A 48 -4.40 -3.27 4.07
C ALA A 48 -5.01 -3.31 2.67
N LYS A 49 -5.33 -4.52 2.18
CA LYS A 49 -5.93 -4.65 0.85
C LYS A 49 -7.24 -3.87 0.81
N ASP A 50 -8.01 -3.96 1.87
CA ASP A 50 -9.28 -3.26 1.96
C ASP A 50 -9.07 -1.77 2.21
N TYR A 51 -7.95 -1.44 2.81
CA TYR A 51 -7.62 -0.08 3.13
C TYR A 51 -7.53 0.83 1.90
N GLU A 52 -6.65 0.46 0.98
CA GLU A 52 -6.41 1.26 -0.22
C GLU A 52 -7.33 0.87 -1.35
N ASP A 53 -7.29 -0.40 -1.72
CA ASP A 53 -8.12 -0.94 -2.81
C ASP A 53 -9.47 -0.23 -2.90
N GLY A 54 -10.05 0.06 -1.73
CA GLY A 54 -11.31 0.76 -1.67
C GLY A 54 -11.12 2.26 -1.82
N LEU A 55 -10.16 2.81 -1.06
CA LEU A 55 -9.86 4.23 -1.12
C LEU A 55 -9.33 4.61 -2.50
N GLU A 56 -8.02 4.58 -2.67
CA GLU A 56 -7.41 4.93 -3.96
C GLU A 56 -7.62 3.79 -4.96
N TYR A 57 -8.87 3.49 -5.26
CA TYR A 57 -9.20 2.43 -6.20
C TYR A 57 -8.63 2.74 -7.58
N GLY A 1 1.64 12.86 -4.19
CA GLY A 1 0.79 11.80 -3.60
C GLY A 1 -0.61 12.28 -3.31
N SER A 2 -1.22 12.97 -4.27
CA SER A 2 -2.57 13.49 -4.11
C SER A 2 -3.62 12.41 -4.38
N GLN A 3 -3.48 11.27 -3.70
CA GLN A 3 -4.42 10.16 -3.86
C GLN A 3 -5.81 10.57 -3.35
N VAL A 4 -6.59 9.60 -2.86
CA VAL A 4 -7.91 9.93 -2.35
C VAL A 4 -7.86 10.89 -1.15
N PHE A 5 -7.97 10.33 0.06
CA PHE A 5 -7.96 11.13 1.26
C PHE A 5 -6.64 11.92 1.38
N GLU A 6 -5.78 11.47 2.29
CA GLU A 6 -4.50 12.12 2.53
C GLU A 6 -3.35 11.25 2.01
N TYR A 7 -3.36 10.01 2.46
CA TYR A 7 -2.36 9.01 2.10
C TYR A 7 -0.94 9.50 2.36
N ALA A 8 -0.78 10.23 3.47
CA ALA A 8 0.50 10.73 3.92
C ALA A 8 0.76 10.04 5.24
N GLU A 9 0.82 8.72 5.18
CA GLU A 9 1.00 7.91 6.35
C GLU A 9 2.47 7.94 6.70
N VAL A 10 3.29 7.90 5.65
CA VAL A 10 4.73 7.99 5.80
C VAL A 10 5.24 7.11 6.92
N ASP A 11 4.70 5.90 6.93
CA ASP A 11 5.05 4.89 7.94
C ASP A 11 3.99 3.77 8.01
N GLU A 12 2.79 4.05 7.51
CA GLU A 12 1.71 3.06 7.57
C GLU A 12 1.11 2.73 6.18
N ILE A 13 1.79 1.92 5.36
CA ILE A 13 1.32 1.52 4.03
C ILE A 13 0.38 2.52 3.30
N VAL A 14 0.78 2.93 2.09
CA VAL A 14 0.01 3.84 1.27
C VAL A 14 -0.57 3.10 0.06
N GLU A 15 0.12 2.05 -0.37
CA GLU A 15 -0.35 1.32 -1.54
C GLU A 15 -0.17 -0.18 -1.40
N LYS A 16 -0.68 -0.92 -2.40
CA LYS A 16 -0.64 -2.38 -2.37
C LYS A 16 -1.28 -2.97 -3.63
N ARG A 17 -1.69 -4.24 -3.58
CA ARG A 17 -2.32 -4.90 -4.72
C ARG A 17 -1.29 -5.30 -5.75
N GLY A 18 -1.36 -6.54 -6.19
CA GLY A 18 -0.43 -7.04 -7.19
C GLY A 18 -0.77 -8.43 -7.68
N LYS A 19 0.29 -9.22 -7.89
CA LYS A 19 0.16 -10.58 -8.39
C LYS A 19 -1.00 -11.31 -7.72
N GLY A 20 -1.45 -12.39 -8.34
CA GLY A 20 -2.54 -13.16 -7.77
C GLY A 20 -2.31 -13.51 -6.31
N LYS A 21 -1.05 -13.53 -5.90
CA LYS A 21 -0.70 -13.86 -4.52
C LYS A 21 0.40 -12.97 -3.97
N ASP A 22 1.37 -12.59 -4.80
CA ASP A 22 2.48 -11.75 -4.37
C ASP A 22 2.06 -10.31 -4.13
N VAL A 23 1.15 -10.15 -3.20
CA VAL A 23 0.64 -8.85 -2.79
C VAL A 23 1.53 -8.26 -1.72
N GLU A 24 1.64 -6.95 -1.70
CA GLU A 24 2.45 -6.28 -0.71
C GLU A 24 1.99 -4.86 -0.43
N TYR A 25 2.26 -4.46 0.82
CA TYR A 25 1.88 -3.17 1.34
C TYR A 25 3.05 -2.49 1.98
N LEU A 26 3.27 -1.26 1.56
CA LEU A 26 4.38 -0.43 2.03
C LEU A 26 4.70 0.60 0.96
N VAL A 27 3.94 1.68 0.88
CA VAL A 27 4.19 2.67 -0.15
C VAL A 27 3.98 4.09 0.38
N ARG A 28 4.31 4.30 1.65
CA ARG A 28 4.06 5.60 2.28
C ARG A 28 5.27 6.25 2.93
N TRP A 29 5.99 5.44 3.65
CA TRP A 29 7.12 5.92 4.35
C TRP A 29 8.07 6.76 3.49
N LYS A 30 9.08 6.11 2.97
CA LYS A 30 10.10 6.75 2.17
C LYS A 30 9.69 6.81 0.69
N ASP A 31 10.15 5.82 -0.09
CA ASP A 31 9.84 5.74 -1.50
C ASP A 31 9.99 7.09 -2.19
N GLY A 32 9.35 7.22 -3.35
CA GLY A 32 9.40 8.45 -4.11
C GLY A 32 9.09 8.19 -5.56
N GLY A 33 10.09 8.35 -6.42
CA GLY A 33 9.90 8.09 -7.83
C GLY A 33 9.45 6.67 -8.07
N ASP A 34 9.82 5.78 -7.14
CA ASP A 34 9.46 4.37 -7.24
C ASP A 34 9.02 3.82 -5.88
N CYS A 35 8.14 2.83 -5.90
CA CYS A 35 7.63 2.20 -4.69
C CYS A 35 8.58 1.13 -4.18
N GLU A 36 8.79 1.10 -2.86
CA GLU A 36 9.67 0.13 -2.22
C GLU A 36 8.88 -0.90 -1.40
N TRP A 37 7.58 -0.92 -1.60
CA TRP A 37 6.69 -1.79 -0.86
C TRP A 37 7.17 -3.25 -0.84
N VAL A 38 7.18 -3.83 0.37
CA VAL A 38 7.61 -5.20 0.56
C VAL A 38 6.43 -6.16 0.79
N LYS A 39 6.69 -7.47 0.63
CA LYS A 39 5.68 -8.54 0.81
C LYS A 39 4.53 -8.14 1.72
N GLY A 40 3.31 -8.49 1.30
CA GLY A 40 2.12 -8.16 2.05
C GLY A 40 1.87 -9.10 3.22
N VAL A 41 1.87 -10.39 2.93
CA VAL A 41 1.63 -11.42 3.94
C VAL A 41 2.39 -11.07 5.23
N HIS A 42 3.60 -10.58 5.06
CA HIS A 42 4.41 -10.16 6.19
C HIS A 42 3.97 -8.77 6.63
N VAL A 43 3.64 -7.93 5.64
CA VAL A 43 3.19 -6.58 5.90
C VAL A 43 1.67 -6.50 5.97
N ALA A 44 1.03 -7.51 6.56
CA ALA A 44 -0.42 -7.51 6.70
C ALA A 44 -1.12 -7.36 5.35
N GLU A 45 -0.91 -8.31 4.46
CA GLU A 45 -1.53 -8.25 3.13
C GLU A 45 -3.05 -8.15 3.24
N ASP A 46 -3.63 -8.98 4.09
CA ASP A 46 -5.08 -9.02 4.26
C ASP A 46 -5.57 -7.96 5.26
N VAL A 47 -4.77 -6.93 5.52
CA VAL A 47 -5.17 -5.89 6.45
C VAL A 47 -5.27 -4.54 5.75
N ALA A 48 -4.26 -4.19 4.99
CA ALA A 48 -4.26 -2.93 4.28
C ALA A 48 -4.97 -3.06 2.93
N LYS A 49 -5.19 -4.30 2.48
CA LYS A 49 -5.89 -4.56 1.23
C LYS A 49 -7.19 -3.78 1.20
N ASP A 50 -7.76 -3.61 2.37
CA ASP A 50 -9.01 -2.88 2.52
C ASP A 50 -8.75 -1.42 2.89
N TYR A 51 -7.61 -0.93 2.48
CA TYR A 51 -7.23 0.45 2.76
C TYR A 51 -7.21 1.29 1.50
N GLU A 52 -6.46 0.81 0.52
CA GLU A 52 -6.29 1.50 -0.76
C GLU A 52 -7.37 1.11 -1.74
N ASP A 53 -7.42 -0.20 -1.97
CA ASP A 53 -8.37 -0.82 -2.88
C ASP A 53 -9.71 -0.05 -2.90
N GLY A 54 -10.09 0.46 -1.73
CA GLY A 54 -11.31 1.24 -1.63
C GLY A 54 -11.04 2.71 -1.89
N LEU A 55 -10.01 3.24 -1.24
CA LEU A 55 -9.60 4.63 -1.40
C LEU A 55 -9.08 4.87 -2.82
N GLU A 56 -7.76 4.82 -3.01
CA GLU A 56 -7.16 5.04 -4.32
C GLU A 56 -7.46 3.86 -5.25
N TYR A 57 -8.75 3.62 -5.50
CA TYR A 57 -9.14 2.52 -6.38
C TYR A 57 -8.59 2.71 -7.78
N GLY A 1 -7.98 12.24 -8.73
CA GLY A 1 -8.44 11.85 -7.37
C GLY A 1 -7.50 12.34 -6.28
N SER A 2 -6.21 12.15 -6.48
CA SER A 2 -5.21 12.58 -5.49
C SER A 2 -5.42 11.87 -4.16
N GLN A 3 -5.48 10.54 -4.20
CA GLN A 3 -5.68 9.76 -2.98
C GLN A 3 -7.05 10.03 -2.39
N VAL A 4 -7.73 9.00 -1.90
CA VAL A 4 -9.04 9.18 -1.30
C VAL A 4 -8.94 9.95 0.01
N PHE A 5 -8.74 9.22 1.10
CA PHE A 5 -8.63 9.80 2.40
C PHE A 5 -7.39 10.72 2.42
N GLU A 6 -6.49 10.48 3.39
CA GLU A 6 -5.29 11.25 3.54
C GLU A 6 -4.11 10.53 2.87
N TYR A 7 -3.96 9.26 3.24
CA TYR A 7 -2.90 8.40 2.74
C TYR A 7 -1.54 9.10 2.74
N ALA A 8 -1.21 9.75 3.86
CA ALA A 8 0.06 10.43 4.01
C ALA A 8 0.74 9.90 5.26
N GLU A 9 0.62 8.59 5.46
CA GLU A 9 1.16 7.94 6.62
C GLU A 9 2.66 8.08 6.70
N VAL A 10 3.34 7.90 5.57
CA VAL A 10 4.78 8.01 5.52
C VAL A 10 5.41 7.17 6.61
N ASP A 11 4.82 5.99 6.79
CA ASP A 11 5.24 5.02 7.81
C ASP A 11 4.26 3.83 7.96
N GLU A 12 3.01 3.96 7.47
CA GLU A 12 2.00 2.87 7.58
C GLU A 12 1.37 2.54 6.22
N ILE A 13 2.16 1.95 5.31
CA ILE A 13 1.74 1.60 3.95
C ILE A 13 0.78 2.61 3.29
N VAL A 14 1.22 3.18 2.16
CA VAL A 14 0.40 4.10 1.42
C VAL A 14 -0.25 3.35 0.25
N GLU A 15 0.22 2.14 -0.05
CA GLU A 15 -0.36 1.43 -1.20
C GLU A 15 -0.26 -0.10 -1.10
N LYS A 16 -0.56 -0.79 -2.22
CA LYS A 16 -0.52 -2.26 -2.25
C LYS A 16 -0.85 -2.80 -3.64
N ARG A 17 -1.33 -4.06 -3.68
CA ARG A 17 -1.73 -4.70 -4.93
C ARG A 17 -0.53 -5.06 -5.80
N GLY A 18 -0.44 -6.32 -6.19
CA GLY A 18 0.67 -6.74 -7.03
C GLY A 18 0.38 -7.97 -7.86
N LYS A 19 1.40 -8.80 -7.98
CA LYS A 19 1.34 -10.02 -8.76
C LYS A 19 0.06 -10.81 -8.51
N GLY A 20 -0.39 -11.53 -9.53
CA GLY A 20 -1.58 -12.34 -9.41
C GLY A 20 -1.52 -13.24 -8.19
N LYS A 21 -0.32 -13.68 -7.84
CA LYS A 21 -0.13 -14.54 -6.68
C LYS A 21 0.95 -13.96 -5.76
N ASP A 22 0.83 -12.67 -5.46
CA ASP A 22 1.77 -11.99 -4.59
C ASP A 22 1.44 -10.50 -4.47
N VAL A 23 1.01 -10.15 -3.26
CA VAL A 23 0.63 -8.78 -2.90
C VAL A 23 1.58 -8.26 -1.83
N GLU A 24 1.58 -6.94 -1.64
CA GLU A 24 2.43 -6.34 -0.65
C GLU A 24 1.95 -4.93 -0.26
N TYR A 25 2.31 -4.58 0.98
CA TYR A 25 1.93 -3.31 1.57
C TYR A 25 3.11 -2.61 2.22
N LEU A 26 3.36 -1.38 1.74
CA LEU A 26 4.45 -0.54 2.20
C LEU A 26 4.77 0.49 1.13
N VAL A 27 3.97 1.54 0.98
CA VAL A 27 4.25 2.51 -0.08
C VAL A 27 4.14 3.96 0.38
N ARG A 28 4.57 4.23 1.61
CA ARG A 28 4.43 5.57 2.20
C ARG A 28 5.68 6.19 2.78
N TRP A 29 6.38 5.39 3.53
CA TRP A 29 7.54 5.82 4.22
C TRP A 29 8.52 6.68 3.40
N LYS A 30 9.43 6.00 2.73
CA LYS A 30 10.49 6.66 1.96
C LYS A 30 10.08 6.95 0.52
N ASP A 31 9.54 5.93 -0.15
CA ASP A 31 9.14 6.01 -1.55
C ASP A 31 8.73 7.41 -1.99
N GLY A 32 9.08 7.73 -3.24
CA GLY A 32 8.75 9.01 -3.81
C GLY A 32 8.67 8.90 -5.32
N GLY A 33 9.73 8.38 -5.93
CA GLY A 33 9.75 8.19 -7.35
C GLY A 33 9.28 6.79 -7.73
N ASP A 34 9.70 5.81 -6.93
CA ASP A 34 9.34 4.41 -7.16
C ASP A 34 8.89 3.75 -5.85
N CYS A 35 7.99 2.76 -5.96
CA CYS A 35 7.48 2.05 -4.79
C CYS A 35 8.48 1.00 -4.29
N GLU A 36 8.70 0.98 -2.97
CA GLU A 36 9.63 0.02 -2.35
C GLU A 36 8.88 -0.98 -1.46
N TRP A 37 7.57 -0.97 -1.56
CA TRP A 37 6.71 -1.84 -0.77
C TRP A 37 7.15 -3.30 -0.82
N VAL A 38 7.22 -3.93 0.36
CA VAL A 38 7.63 -5.32 0.47
C VAL A 38 6.44 -6.25 0.73
N LYS A 39 6.67 -7.56 0.56
CA LYS A 39 5.64 -8.61 0.75
C LYS A 39 4.51 -8.18 1.67
N GLY A 40 3.29 -8.59 1.32
CA GLY A 40 2.11 -8.21 2.09
C GLY A 40 1.82 -9.16 3.23
N VAL A 41 1.87 -10.45 2.93
CA VAL A 41 1.59 -11.50 3.91
C VAL A 41 2.17 -11.15 5.28
N HIS A 42 3.43 -10.76 5.31
CA HIS A 42 4.05 -10.37 6.58
C HIS A 42 3.70 -8.92 6.92
N VAL A 43 3.37 -8.13 5.89
CA VAL A 43 2.99 -6.74 6.09
C VAL A 43 1.46 -6.57 6.08
N ALA A 44 0.76 -7.52 6.70
CA ALA A 44 -0.70 -7.46 6.77
C ALA A 44 -1.32 -7.34 5.38
N GLU A 45 -1.11 -8.35 4.54
CA GLU A 45 -1.65 -8.33 3.19
C GLU A 45 -3.16 -8.15 3.19
N ASP A 46 -3.85 -9.02 3.94
CA ASP A 46 -5.31 -8.97 4.01
C ASP A 46 -5.80 -7.97 5.06
N VAL A 47 -4.99 -6.96 5.37
CA VAL A 47 -5.39 -5.96 6.35
C VAL A 47 -5.43 -4.59 5.71
N ALA A 48 -4.42 -4.28 4.91
CA ALA A 48 -4.36 -3.00 4.24
C ALA A 48 -5.02 -3.08 2.87
N LYS A 49 -5.16 -4.29 2.33
CA LYS A 49 -5.77 -4.48 1.02
C LYS A 49 -7.13 -3.81 0.97
N ASP A 50 -7.97 -4.13 1.92
CA ASP A 50 -9.32 -3.56 1.97
C ASP A 50 -9.30 -2.06 2.13
N TYR A 51 -8.28 -1.55 2.80
CA TYR A 51 -8.15 -0.13 3.03
C TYR A 51 -7.94 0.64 1.74
N GLU A 52 -6.92 0.23 1.00
CA GLU A 52 -6.53 0.90 -0.23
C GLU A 52 -7.41 0.49 -1.40
N ASP A 53 -7.32 -0.80 -1.72
CA ASP A 53 -8.04 -1.42 -2.83
C ASP A 53 -9.37 -0.72 -3.11
N GLY A 54 -10.09 -0.39 -2.04
CA GLY A 54 -11.36 0.32 -2.18
C GLY A 54 -11.18 1.81 -2.28
N LEU A 55 -10.36 2.37 -1.40
CA LEU A 55 -10.10 3.81 -1.39
C LEU A 55 -9.37 4.25 -2.66
N GLU A 56 -8.04 4.16 -2.65
CA GLU A 56 -7.24 4.55 -3.81
C GLU A 56 -7.22 3.44 -4.87
N TYR A 57 -8.39 2.98 -5.27
CA TYR A 57 -8.50 1.92 -6.28
C TYR A 57 -7.76 2.32 -7.54
N GLY A 1 -5.86 15.55 -8.73
CA GLY A 1 -5.00 14.52 -8.08
C GLY A 1 -5.69 13.18 -7.98
N SER A 2 -5.61 12.56 -6.80
CA SER A 2 -6.23 11.27 -6.57
C SER A 2 -6.18 10.89 -5.08
N GLN A 3 -6.18 9.58 -4.78
CA GLN A 3 -6.14 9.12 -3.40
C GLN A 3 -7.39 9.60 -2.65
N VAL A 4 -7.96 8.73 -1.82
CA VAL A 4 -9.15 9.11 -1.08
C VAL A 4 -8.80 9.98 0.12
N PHE A 5 -8.28 9.36 1.17
CA PHE A 5 -7.92 10.07 2.36
C PHE A 5 -6.69 10.95 2.05
N GLU A 6 -5.80 11.06 3.03
CA GLU A 6 -4.59 11.83 2.90
C GLU A 6 -3.49 10.97 2.29
N TYR A 7 -3.36 9.77 2.82
CA TYR A 7 -2.37 8.78 2.38
C TYR A 7 -0.94 9.26 2.64
N ALA A 8 -0.72 9.86 3.79
CA ALA A 8 0.61 10.33 4.16
C ALA A 8 1.02 9.67 5.46
N GLU A 9 0.81 8.36 5.52
CA GLU A 9 1.14 7.59 6.70
C GLU A 9 2.65 7.56 6.91
N VAL A 10 3.38 7.56 5.82
CA VAL A 10 4.83 7.56 5.84
C VAL A 10 5.37 6.55 6.84
N ASP A 11 4.84 5.34 6.74
CA ASP A 11 5.18 4.21 7.62
C ASP A 11 4.01 3.22 7.79
N GLU A 12 2.79 3.64 7.43
CA GLU A 12 1.60 2.80 7.62
C GLU A 12 0.91 2.42 6.32
N ILE A 13 1.70 1.94 5.40
CA ILE A 13 1.25 1.55 4.05
C ILE A 13 0.39 2.61 3.36
N VAL A 14 0.77 2.94 2.12
CA VAL A 14 0.08 3.92 1.31
C VAL A 14 -0.49 3.26 0.06
N GLU A 15 0.15 2.19 -0.39
CA GLU A 15 -0.33 1.55 -1.61
C GLU A 15 -0.24 0.02 -1.54
N LYS A 16 -0.91 -0.67 -2.49
CA LYS A 16 -0.93 -2.14 -2.48
C LYS A 16 -1.24 -2.75 -3.84
N ARG A 17 -1.39 -4.08 -3.85
CA ARG A 17 -1.73 -4.84 -5.05
C ARG A 17 -0.50 -5.17 -5.89
N GLY A 18 -0.33 -6.45 -6.17
CA GLY A 18 0.80 -6.89 -6.97
C GLY A 18 0.51 -8.16 -7.74
N LYS A 19 1.54 -8.97 -7.98
CA LYS A 19 1.38 -10.23 -8.71
C LYS A 19 0.38 -11.14 -8.02
N GLY A 20 -0.20 -12.06 -8.78
CA GLY A 20 -1.16 -13.00 -8.24
C GLY A 20 -0.73 -13.61 -6.93
N LYS A 21 0.57 -13.89 -6.80
CA LYS A 21 1.10 -14.47 -5.58
C LYS A 21 2.25 -13.64 -5.02
N ASP A 22 2.03 -12.33 -4.90
CA ASP A 22 3.05 -11.45 -4.38
C ASP A 22 2.54 -10.02 -4.20
N VAL A 23 1.55 -9.90 -3.34
CA VAL A 23 0.96 -8.62 -2.99
C VAL A 23 1.76 -8.01 -1.86
N GLU A 24 1.55 -6.74 -1.60
CA GLU A 24 2.25 -6.08 -0.54
C GLU A 24 1.79 -4.65 -0.29
N TYR A 25 2.00 -4.27 0.97
CA TYR A 25 1.62 -2.97 1.46
C TYR A 25 2.74 -2.23 2.11
N LEU A 26 3.18 -1.19 1.43
CA LEU A 26 4.23 -0.32 1.90
C LEU A 26 4.72 0.61 0.80
N VAL A 27 4.01 1.73 0.67
CA VAL A 27 4.33 2.72 -0.33
C VAL A 27 4.09 4.13 0.23
N ARG A 28 4.42 4.27 1.50
CA ARG A 28 4.18 5.52 2.24
C ARG A 28 5.40 6.24 2.81
N TRP A 29 6.15 5.51 3.62
CA TRP A 29 7.30 6.00 4.29
C TRP A 29 8.25 6.80 3.37
N LYS A 30 9.13 6.10 2.70
CA LYS A 30 10.09 6.70 1.81
C LYS A 30 9.43 6.92 0.44
N ASP A 31 9.91 6.21 -0.59
CA ASP A 31 9.33 6.31 -1.92
C ASP A 31 9.29 7.75 -2.45
N GLY A 32 9.69 7.92 -3.70
CA GLY A 32 9.69 9.22 -4.33
C GLY A 32 9.54 9.10 -5.82
N GLY A 33 10.55 8.52 -6.46
CA GLY A 33 10.50 8.31 -7.89
C GLY A 33 9.79 7.01 -8.21
N ASP A 34 10.06 6.00 -7.38
CA ASP A 34 9.48 4.67 -7.54
C ASP A 34 8.98 4.16 -6.19
N CYS A 35 8.07 3.21 -6.23
CA CYS A 35 7.51 2.61 -5.02
C CYS A 35 8.53 1.64 -4.40
N GLU A 36 8.43 1.42 -3.09
CA GLU A 36 9.35 0.52 -2.41
C GLU A 36 8.62 -0.54 -1.58
N TRP A 37 7.48 -1.06 -2.03
CA TRP A 37 6.79 -2.10 -1.27
C TRP A 37 7.80 -3.20 -0.87
N VAL A 38 7.32 -4.23 -0.16
CA VAL A 38 8.18 -5.36 0.18
C VAL A 38 7.37 -6.67 0.22
N LYS A 39 6.46 -6.74 1.17
CA LYS A 39 5.62 -7.92 1.37
C LYS A 39 4.35 -7.58 2.14
N GLY A 40 3.22 -8.00 1.62
CA GLY A 40 1.95 -7.71 2.28
C GLY A 40 1.68 -8.67 3.42
N VAL A 41 1.79 -9.95 3.12
CA VAL A 41 1.54 -11.01 4.10
C VAL A 41 2.15 -10.65 5.44
N HIS A 42 3.33 -10.05 5.40
CA HIS A 42 4.01 -9.63 6.60
C HIS A 42 3.48 -8.26 7.04
N VAL A 43 3.19 -7.41 6.06
CA VAL A 43 2.66 -6.08 6.32
C VAL A 43 1.13 -6.10 6.32
N ALA A 44 0.54 -7.14 6.90
CA ALA A 44 -0.90 -7.24 6.97
C ALA A 44 -1.53 -7.14 5.58
N GLU A 45 -1.14 -8.04 4.69
CA GLU A 45 -1.66 -8.05 3.31
C GLU A 45 -3.18 -7.99 3.31
N ASP A 46 -3.79 -8.94 4.00
CA ASP A 46 -5.24 -9.03 4.06
C ASP A 46 -5.85 -7.87 4.85
N VAL A 47 -5.02 -7.02 5.46
CA VAL A 47 -5.53 -5.91 6.24
C VAL A 47 -5.54 -4.62 5.43
N ALA A 48 -4.36 -4.24 4.96
CA ALA A 48 -4.25 -3.02 4.19
C ALA A 48 -4.87 -3.17 2.80
N LYS A 49 -5.20 -4.40 2.40
CA LYS A 49 -5.84 -4.64 1.11
C LYS A 49 -7.08 -3.78 1.00
N ASP A 50 -7.85 -3.78 2.06
CA ASP A 50 -9.07 -2.98 2.11
C ASP A 50 -8.74 -1.50 2.25
N TYR A 51 -7.55 -1.21 2.75
CA TYR A 51 -7.11 0.16 2.93
C TYR A 51 -7.15 0.97 1.64
N GLU A 52 -6.45 0.50 0.62
CA GLU A 52 -6.41 1.21 -0.65
C GLU A 52 -7.45 0.68 -1.60
N ASP A 53 -7.31 -0.61 -1.91
CA ASP A 53 -8.22 -1.32 -2.82
C ASP A 53 -9.64 -0.78 -2.71
N GLY A 54 -10.03 -0.39 -1.50
CA GLY A 54 -11.34 0.18 -1.28
C GLY A 54 -11.33 1.69 -1.44
N LEU A 55 -10.35 2.33 -0.80
CA LEU A 55 -10.18 3.78 -0.88
C LEU A 55 -9.74 4.22 -2.26
N GLU A 56 -8.42 4.21 -2.50
CA GLU A 56 -7.87 4.61 -3.78
C GLU A 56 -8.01 3.48 -4.81
N TYR A 57 -9.24 3.04 -5.04
CA TYR A 57 -9.49 1.98 -6.00
C TYR A 57 -9.02 2.39 -7.39
N GLY A 1 -1.16 12.70 -7.82
CA GLY A 1 -2.11 12.23 -8.84
C GLY A 1 -3.51 12.01 -8.29
N SER A 2 -3.59 11.43 -7.10
CA SER A 2 -4.87 11.17 -6.46
C SER A 2 -4.67 10.51 -5.09
N GLN A 3 -5.58 10.80 -4.16
CA GLN A 3 -5.51 10.23 -2.83
C GLN A 3 -6.69 10.68 -1.98
N VAL A 4 -7.51 9.73 -1.55
CA VAL A 4 -8.68 10.05 -0.74
C VAL A 4 -8.33 10.86 0.53
N PHE A 5 -8.15 10.15 1.65
CA PHE A 5 -7.87 10.78 2.92
C PHE A 5 -6.54 11.52 2.85
N GLU A 6 -5.85 11.61 3.99
CA GLU A 6 -4.56 12.25 4.01
C GLU A 6 -3.61 11.47 3.12
N TYR A 7 -3.75 10.15 3.20
CA TYR A 7 -2.98 9.23 2.40
C TYR A 7 -1.49 9.53 2.44
N ALA A 8 -1.03 10.06 3.57
CA ALA A 8 0.37 10.39 3.76
C ALA A 8 0.90 9.55 4.91
N GLU A 9 0.65 8.24 4.84
CA GLU A 9 1.05 7.33 5.89
C GLU A 9 2.47 7.57 6.32
N VAL A 10 3.35 7.67 5.32
CA VAL A 10 4.77 7.89 5.56
C VAL A 10 5.27 6.98 6.66
N ASP A 11 4.72 5.78 6.67
CA ASP A 11 5.03 4.74 7.66
C ASP A 11 3.93 3.66 7.73
N GLU A 12 2.72 3.98 7.26
CA GLU A 12 1.60 3.02 7.34
C GLU A 12 0.97 2.74 5.97
N ILE A 13 1.62 1.88 5.21
CA ILE A 13 1.20 1.46 3.86
C ILE A 13 0.29 2.43 3.14
N VAL A 14 0.80 2.91 2.01
CA VAL A 14 0.07 3.83 1.17
C VAL A 14 -0.57 3.07 0.02
N GLU A 15 0.12 2.08 -0.51
CA GLU A 15 -0.42 1.37 -1.66
C GLU A 15 -0.70 -0.11 -1.39
N LYS A 16 -0.86 -0.86 -2.48
CA LYS A 16 -1.17 -2.28 -2.40
C LYS A 16 -1.43 -2.84 -3.79
N ARG A 17 -1.30 -4.17 -3.97
CA ARG A 17 -1.61 -4.80 -5.25
C ARG A 17 -0.93 -6.16 -5.37
N GLY A 18 -1.75 -7.20 -5.50
CA GLY A 18 -1.23 -8.54 -5.60
C GLY A 18 -2.30 -9.58 -5.83
N LYS A 19 -1.94 -10.65 -6.54
CA LYS A 19 -2.89 -11.73 -6.81
C LYS A 19 -3.20 -12.51 -5.54
N GLY A 20 -3.82 -13.67 -5.69
CA GLY A 20 -4.15 -14.48 -4.55
C GLY A 20 -2.95 -15.01 -3.81
N LYS A 21 -1.86 -15.25 -4.53
CA LYS A 21 -0.64 -15.78 -3.92
C LYS A 21 0.56 -14.86 -4.17
N ASP A 22 0.37 -13.56 -4.01
CA ASP A 22 1.43 -12.59 -4.20
C ASP A 22 0.89 -11.18 -4.09
N VAL A 23 1.30 -10.50 -3.02
CA VAL A 23 0.87 -9.13 -2.73
C VAL A 23 1.84 -8.49 -1.75
N GLU A 24 1.75 -7.18 -1.65
CA GLU A 24 2.60 -6.44 -0.75
C GLU A 24 2.08 -5.01 -0.56
N TYR A 25 2.36 -4.50 0.63
CA TYR A 25 1.90 -3.18 1.04
C TYR A 25 3.02 -2.44 1.72
N LEU A 26 3.27 -1.22 1.23
CA LEU A 26 4.35 -0.36 1.73
C LEU A 26 4.71 0.66 0.63
N VAL A 27 3.97 1.75 0.53
CA VAL A 27 4.27 2.73 -0.51
C VAL A 27 4.12 4.15 0.04
N ARG A 28 4.41 4.28 1.33
CA ARG A 28 4.29 5.55 2.03
C ARG A 28 5.63 6.17 2.49
N TRP A 29 6.10 5.69 3.63
CA TRP A 29 7.29 6.11 4.30
C TRP A 29 8.38 6.74 3.43
N LYS A 30 8.97 5.94 2.56
CA LYS A 30 10.06 6.38 1.72
C LYS A 30 9.61 6.63 0.29
N ASP A 31 8.87 5.65 -0.23
CA ASP A 31 8.36 5.69 -1.59
C ASP A 31 7.88 7.07 -2.01
N GLY A 32 8.39 7.49 -3.15
CA GLY A 32 8.06 8.78 -3.74
C GLY A 32 8.66 8.87 -5.11
N GLY A 33 9.97 8.63 -5.19
CA GLY A 33 10.67 8.63 -6.45
C GLY A 33 10.71 7.23 -7.03
N ASP A 34 10.93 6.26 -6.15
CA ASP A 34 11.00 4.85 -6.53
C ASP A 34 10.14 4.00 -5.60
N CYS A 35 9.80 2.80 -6.05
CA CYS A 35 8.97 1.89 -5.26
C CYS A 35 9.81 1.07 -4.27
N GLU A 36 9.27 0.84 -3.08
CA GLU A 36 9.97 0.07 -2.04
C GLU A 36 8.98 -0.76 -1.22
N TRP A 37 7.83 -1.06 -1.79
CA TRP A 37 6.82 -1.81 -1.06
C TRP A 37 7.24 -3.26 -0.85
N VAL A 38 7.24 -3.66 0.43
CA VAL A 38 7.65 -5.00 0.85
C VAL A 38 6.48 -5.98 0.94
N LYS A 39 6.82 -7.29 0.92
CA LYS A 39 5.85 -8.38 1.01
C LYS A 39 4.59 -8.02 1.81
N GLY A 40 3.46 -8.57 1.39
CA GLY A 40 2.20 -8.28 2.05
C GLY A 40 1.92 -9.21 3.21
N VAL A 41 2.02 -10.51 2.94
CA VAL A 41 1.77 -11.53 3.96
C VAL A 41 2.45 -11.13 5.27
N HIS A 42 3.62 -10.53 5.14
CA HIS A 42 4.36 -10.05 6.29
C HIS A 42 3.83 -8.67 6.68
N VAL A 43 3.53 -7.85 5.68
CA VAL A 43 3.01 -6.51 5.91
C VAL A 43 1.48 -6.49 5.92
N ALA A 44 0.86 -7.43 6.62
CA ALA A 44 -0.60 -7.47 6.68
C ALA A 44 -1.20 -7.45 5.29
N GLU A 45 -0.97 -8.53 4.56
CA GLU A 45 -1.44 -8.65 3.19
C GLU A 45 -2.94 -8.35 3.06
N ASP A 46 -3.75 -9.09 3.81
CA ASP A 46 -5.19 -8.90 3.74
C ASP A 46 -5.68 -7.79 4.68
N VAL A 47 -4.79 -6.86 5.02
CA VAL A 47 -5.17 -5.77 5.92
C VAL A 47 -5.02 -4.42 5.24
N ALA A 48 -3.92 -4.27 4.50
CA ALA A 48 -3.63 -3.02 3.82
C ALA A 48 -4.44 -2.87 2.52
N LYS A 49 -4.67 -3.97 1.83
CA LYS A 49 -5.43 -3.95 0.57
C LYS A 49 -6.75 -3.21 0.71
N ASP A 50 -7.56 -3.61 1.67
CA ASP A 50 -8.86 -2.98 1.86
C ASP A 50 -8.72 -1.52 2.29
N TYR A 51 -7.63 -1.21 2.97
CA TYR A 51 -7.40 0.15 3.43
C TYR A 51 -7.42 1.16 2.28
N GLU A 52 -6.53 0.94 1.33
CA GLU A 52 -6.36 1.87 0.22
C GLU A 52 -7.18 1.52 -1.01
N ASP A 53 -7.15 0.27 -1.43
CA ASP A 53 -7.91 -0.16 -2.61
C ASP A 53 -9.31 0.46 -2.61
N GLY A 54 -9.83 0.67 -1.40
CA GLY A 54 -11.13 1.27 -1.25
C GLY A 54 -11.09 2.79 -1.35
N LEU A 55 -9.99 3.38 -0.86
CA LEU A 55 -9.83 4.82 -0.90
C LEU A 55 -9.57 5.29 -2.33
N GLU A 56 -8.35 5.12 -2.80
CA GLU A 56 -7.98 5.52 -4.14
C GLU A 56 -8.35 4.39 -5.12
N TYR A 57 -9.60 3.93 -5.07
CA TYR A 57 -10.05 2.86 -5.93
C TYR A 57 -9.81 3.19 -7.40
N GLY A 1 0.61 6.97 -4.81
CA GLY A 1 -0.83 6.77 -5.14
C GLY A 1 -1.74 7.34 -4.08
N SER A 2 -2.80 8.02 -4.50
CA SER A 2 -3.75 8.62 -3.57
C SER A 2 -5.01 9.08 -4.30
N GLN A 3 -6.16 8.84 -3.68
CA GLN A 3 -7.44 9.24 -4.25
C GLN A 3 -8.43 9.61 -3.15
N VAL A 4 -8.55 8.74 -2.15
CA VAL A 4 -9.44 9.02 -1.03
C VAL A 4 -8.66 9.65 0.12
N PHE A 5 -8.15 8.79 1.02
CA PHE A 5 -7.39 9.25 2.16
C PHE A 5 -6.19 10.05 1.68
N GLU A 6 -5.75 10.96 2.53
CA GLU A 6 -4.60 11.77 2.21
C GLU A 6 -3.42 10.89 1.83
N TYR A 7 -3.30 9.77 2.53
CA TYR A 7 -2.24 8.81 2.30
C TYR A 7 -0.85 9.40 2.58
N ALA A 8 -0.67 9.90 3.79
CA ALA A 8 0.59 10.50 4.21
C ALA A 8 1.04 9.84 5.51
N GLU A 9 0.93 8.51 5.57
CA GLU A 9 1.30 7.78 6.74
C GLU A 9 2.80 7.89 6.94
N VAL A 10 3.53 7.89 5.84
CA VAL A 10 4.98 8.02 5.86
C VAL A 10 5.58 7.17 6.96
N ASP A 11 5.17 5.91 6.93
CA ASP A 11 5.59 4.89 7.90
C ASP A 11 4.56 3.75 8.05
N GLU A 12 3.34 3.92 7.54
CA GLU A 12 2.30 2.87 7.67
C GLU A 12 1.57 2.59 6.34
N ILE A 13 2.27 2.02 5.37
CA ILE A 13 1.71 1.68 4.05
C ILE A 13 0.79 2.74 3.41
N VAL A 14 1.08 3.04 2.15
CA VAL A 14 0.32 4.00 1.37
C VAL A 14 -0.29 3.27 0.17
N GLU A 15 0.39 2.23 -0.33
CA GLU A 15 -0.15 1.52 -1.49
C GLU A 15 -0.07 0.00 -1.36
N LYS A 16 -0.34 -0.69 -2.48
CA LYS A 16 -0.32 -2.16 -2.51
C LYS A 16 -0.67 -2.69 -3.89
N ARG A 17 -0.58 -4.01 -4.08
CA ARG A 17 -0.94 -4.63 -5.35
C ARG A 17 -0.46 -6.07 -5.44
N GLY A 18 -1.40 -7.01 -5.46
CA GLY A 18 -1.06 -8.41 -5.55
C GLY A 18 -2.27 -9.31 -5.36
N LYS A 19 -2.02 -10.58 -5.08
CA LYS A 19 -3.09 -11.53 -4.87
C LYS A 19 -2.58 -12.73 -4.05
N GLY A 20 -3.23 -13.87 -4.18
CA GLY A 20 -2.80 -15.04 -3.45
C GLY A 20 -1.38 -15.44 -3.76
N LYS A 21 -0.94 -15.13 -4.98
CA LYS A 21 0.40 -15.48 -5.42
C LYS A 21 1.49 -14.61 -4.79
N ASP A 22 1.25 -13.29 -4.66
CA ASP A 22 2.23 -12.40 -4.08
C ASP A 22 1.76 -10.96 -4.09
N VAL A 23 1.62 -10.44 -2.89
CA VAL A 23 1.21 -9.06 -2.67
C VAL A 23 2.22 -8.38 -1.77
N GLU A 24 1.95 -7.13 -1.42
CA GLU A 24 2.81 -6.36 -0.55
C GLU A 24 2.34 -4.91 -0.43
N TYR A 25 2.59 -4.37 0.76
CA TYR A 25 2.14 -3.04 1.16
C TYR A 25 3.27 -2.28 1.82
N LEU A 26 3.54 -1.09 1.30
CA LEU A 26 4.60 -0.24 1.80
C LEU A 26 4.92 0.84 0.77
N VAL A 27 4.17 1.90 0.73
CA VAL A 27 4.43 2.94 -0.27
C VAL A 27 4.29 4.34 0.33
N ARG A 28 4.68 4.48 1.59
CA ARG A 28 4.51 5.76 2.29
C ARG A 28 5.76 6.33 2.96
N TRP A 29 6.50 5.47 3.60
CA TRP A 29 7.65 5.87 4.33
C TRP A 29 8.57 6.83 3.58
N LYS A 30 9.48 6.25 2.84
CA LYS A 30 10.48 6.98 2.09
C LYS A 30 10.01 7.38 0.71
N ASP A 31 9.68 6.37 -0.08
CA ASP A 31 9.24 6.57 -1.44
C ASP A 31 7.97 7.42 -1.53
N GLY A 32 7.97 8.31 -2.51
CA GLY A 32 6.83 9.19 -2.74
C GLY A 32 6.43 9.19 -4.20
N GLY A 33 7.42 9.37 -5.09
CA GLY A 33 7.14 9.35 -6.52
C GLY A 33 7.05 7.92 -7.00
N ASP A 34 8.02 7.12 -6.60
CA ASP A 34 8.07 5.72 -6.94
C ASP A 34 7.47 4.92 -5.79
N CYS A 35 7.87 3.66 -5.66
CA CYS A 35 7.38 2.79 -4.59
C CYS A 35 8.34 1.64 -4.27
N GLU A 36 8.88 1.64 -3.04
CA GLU A 36 9.78 0.58 -2.59
C GLU A 36 9.03 -0.46 -1.76
N TRP A 37 7.73 -0.48 -1.87
CA TRP A 37 6.92 -1.40 -1.10
C TRP A 37 7.46 -2.82 -1.23
N VAL A 38 7.49 -3.56 -0.14
CA VAL A 38 7.95 -4.94 -0.22
C VAL A 38 7.10 -5.77 0.72
N LYS A 39 6.84 -7.05 0.49
CA LYS A 39 6.05 -7.82 1.46
C LYS A 39 4.69 -7.20 1.79
N GLY A 40 3.74 -8.09 2.07
CA GLY A 40 2.40 -7.70 2.40
C GLY A 40 1.90 -8.56 3.50
N VAL A 41 1.96 -9.85 3.23
CA VAL A 41 1.55 -10.86 4.20
C VAL A 41 2.19 -10.55 5.54
N HIS A 42 3.46 -10.15 5.47
CA HIS A 42 4.21 -9.76 6.64
C HIS A 42 3.87 -8.31 6.97
N VAL A 43 3.70 -7.52 5.91
CA VAL A 43 3.38 -6.11 6.04
C VAL A 43 1.87 -5.86 6.07
N ALA A 44 1.14 -6.70 6.80
CA ALA A 44 -0.31 -6.54 6.90
C ALA A 44 -0.92 -6.48 5.50
N GLU A 45 -0.88 -7.60 4.80
CA GLU A 45 -1.40 -7.68 3.45
C GLU A 45 -2.87 -7.28 3.36
N ASP A 46 -3.71 -8.11 3.95
CA ASP A 46 -5.15 -7.88 3.93
C ASP A 46 -5.57 -6.71 4.83
N VAL A 47 -4.61 -6.09 5.52
CA VAL A 47 -4.92 -4.99 6.40
C VAL A 47 -4.96 -3.67 5.64
N ALA A 48 -4.03 -3.51 4.71
CA ALA A 48 -3.95 -2.29 3.92
C ALA A 48 -4.76 -2.43 2.63
N LYS A 49 -4.87 -3.65 2.13
CA LYS A 49 -5.64 -3.92 0.91
C LYS A 49 -6.98 -3.25 0.97
N ASP A 50 -7.76 -3.62 1.96
CA ASP A 50 -9.09 -3.08 2.14
C ASP A 50 -9.05 -1.58 2.23
N TYR A 51 -8.02 -1.07 2.86
CA TYR A 51 -7.85 0.35 3.03
C TYR A 51 -7.56 1.05 1.72
N GLU A 52 -6.58 0.52 1.02
CA GLU A 52 -6.13 1.10 -0.23
C GLU A 52 -7.02 0.68 -1.37
N ASP A 53 -6.97 -0.62 -1.63
CA ASP A 53 -7.76 -1.24 -2.67
C ASP A 53 -9.20 -0.73 -2.63
N GLY A 54 -9.69 -0.52 -1.41
CA GLY A 54 -11.04 -0.03 -1.22
C GLY A 54 -11.15 1.48 -1.39
N LEU A 55 -10.25 2.21 -0.73
CA LEU A 55 -10.28 3.67 -0.80
C LEU A 55 -9.88 4.15 -2.20
N GLU A 56 -8.72 3.69 -2.66
CA GLU A 56 -8.22 4.05 -3.98
C GLU A 56 -8.65 3.01 -5.02
N TYR A 57 -9.83 2.44 -4.83
CA TYR A 57 -10.33 1.42 -5.75
C TYR A 57 -10.25 1.90 -7.20
N GLY A 1 -9.80 13.88 -7.50
CA GLY A 1 -9.63 12.84 -8.55
C GLY A 1 -9.84 11.43 -8.02
N SER A 2 -9.25 11.14 -6.88
CA SER A 2 -9.37 9.82 -6.26
C SER A 2 -8.87 9.87 -4.81
N GLN A 3 -8.44 8.73 -4.29
CA GLN A 3 -7.94 8.66 -2.92
C GLN A 3 -9.02 9.04 -1.91
N VAL A 4 -9.20 8.21 -0.89
CA VAL A 4 -10.19 8.52 0.14
C VAL A 4 -9.57 9.39 1.22
N PHE A 5 -8.77 8.76 2.08
CA PHE A 5 -8.12 9.46 3.14
C PHE A 5 -7.07 10.41 2.56
N GLU A 6 -6.04 10.65 3.34
CA GLU A 6 -4.94 11.51 2.95
C GLU A 6 -3.88 10.72 2.20
N TYR A 7 -3.53 9.57 2.79
CA TYR A 7 -2.54 8.65 2.24
C TYR A 7 -1.13 9.23 2.28
N ALA A 8 -0.80 9.91 3.38
CA ALA A 8 0.52 10.48 3.58
C ALA A 8 1.10 9.84 4.82
N GLU A 9 0.95 8.52 4.88
CA GLU A 9 1.39 7.74 6.01
C GLU A 9 2.83 8.02 6.36
N VAL A 10 3.66 8.00 5.34
CA VAL A 10 5.10 8.18 5.51
C VAL A 10 5.60 7.30 6.62
N ASP A 11 5.03 6.10 6.66
CA ASP A 11 5.34 5.07 7.67
C ASP A 11 4.20 4.02 7.85
N GLU A 12 2.95 4.41 7.53
CA GLU A 12 1.78 3.51 7.75
C GLU A 12 1.06 3.09 6.45
N ILE A 13 1.77 2.31 5.65
CA ILE A 13 1.30 1.77 4.34
C ILE A 13 0.38 2.71 3.54
N VAL A 14 0.81 3.03 2.32
CA VAL A 14 0.06 3.91 1.43
C VAL A 14 -0.50 3.15 0.25
N GLU A 15 0.18 2.07 -0.17
CA GLU A 15 -0.30 1.37 -1.35
C GLU A 15 -0.36 -0.14 -1.18
N LYS A 16 -0.59 -0.83 -2.32
CA LYS A 16 -0.71 -2.27 -2.35
C LYS A 16 -0.99 -2.79 -3.77
N ARG A 17 -1.59 -4.00 -3.85
CA ARG A 17 -1.96 -4.60 -5.13
C ARG A 17 -0.78 -4.65 -6.10
N GLY A 18 0.37 -5.11 -5.61
CA GLY A 18 1.55 -5.18 -6.43
C GLY A 18 1.46 -6.22 -7.54
N LYS A 19 2.63 -6.77 -7.90
CA LYS A 19 2.74 -7.78 -8.95
C LYS A 19 1.69 -8.88 -8.78
N GLY A 20 1.66 -9.79 -9.75
CA GLY A 20 0.72 -10.89 -9.71
C GLY A 20 0.87 -11.72 -8.45
N LYS A 21 2.10 -11.86 -7.98
CA LYS A 21 2.39 -12.65 -6.80
C LYS A 21 3.36 -11.94 -5.85
N ASP A 22 3.05 -10.69 -5.51
CA ASP A 22 3.91 -9.92 -4.61
C ASP A 22 3.23 -8.64 -4.15
N VAL A 23 2.08 -8.81 -3.49
CA VAL A 23 1.32 -7.70 -2.95
C VAL A 23 1.80 -7.37 -1.55
N GLU A 24 1.90 -6.08 -1.24
CA GLU A 24 2.33 -5.65 0.09
C GLU A 24 1.86 -4.24 0.39
N TYR A 25 1.92 -3.92 1.65
CA TYR A 25 1.50 -2.62 2.14
C TYR A 25 2.66 -1.90 2.79
N LEU A 26 3.24 -1.02 2.00
CA LEU A 26 4.39 -0.24 2.39
C LEU A 26 4.81 0.60 1.21
N VAL A 27 4.07 1.69 1.01
CA VAL A 27 4.33 2.57 -0.11
C VAL A 27 4.16 4.03 0.32
N ARG A 28 4.47 4.28 1.58
CA ARG A 28 4.27 5.60 2.20
C ARG A 28 5.50 6.34 2.71
N TRP A 29 6.27 5.66 3.51
CA TRP A 29 7.43 6.18 4.12
C TRP A 29 8.35 6.92 3.14
N LYS A 30 9.25 6.19 2.55
CA LYS A 30 10.20 6.74 1.60
C LYS A 30 9.60 6.82 0.20
N ASP A 31 9.82 5.77 -0.59
CA ASP A 31 9.28 5.68 -1.94
C ASP A 31 9.38 7.01 -2.69
N GLY A 32 8.67 7.09 -3.82
CA GLY A 32 8.69 8.28 -4.64
C GLY A 32 8.42 7.92 -6.09
N GLY A 33 9.48 7.85 -6.88
CA GLY A 33 9.33 7.48 -8.26
C GLY A 33 8.87 6.04 -8.39
N ASP A 34 9.24 5.22 -7.40
CA ASP A 34 8.87 3.81 -7.39
C ASP A 34 8.40 3.36 -6.00
N CYS A 35 7.63 2.29 -5.96
CA CYS A 35 7.13 1.75 -4.69
C CYS A 35 8.15 0.80 -4.08
N GLU A 36 8.32 0.86 -2.76
CA GLU A 36 9.27 -0.02 -2.07
C GLU A 36 8.55 -1.00 -1.15
N TRP A 37 7.28 -1.25 -1.43
CA TRP A 37 6.50 -2.20 -0.63
C TRP A 37 7.22 -3.55 -0.61
N VAL A 38 7.18 -4.25 0.51
CA VAL A 38 7.84 -5.55 0.65
C VAL A 38 6.88 -6.71 0.30
N LYS A 39 6.58 -7.60 1.27
CA LYS A 39 5.64 -8.71 1.06
C LYS A 39 4.42 -8.58 2.00
N GLY A 40 3.26 -8.39 1.36
CA GLY A 40 1.98 -8.23 2.06
C GLY A 40 1.59 -9.46 2.85
N VAL A 41 1.62 -10.62 2.20
CA VAL A 41 1.25 -11.87 2.86
C VAL A 41 1.89 -11.92 4.26
N HIS A 42 3.06 -11.30 4.36
CA HIS A 42 3.78 -11.20 5.61
C HIS A 42 3.40 -9.89 6.29
N VAL A 43 3.25 -8.85 5.47
CA VAL A 43 2.88 -7.51 5.96
C VAL A 43 1.36 -7.34 6.01
N ALA A 44 0.65 -8.37 6.49
CA ALA A 44 -0.80 -8.31 6.59
C ALA A 44 -1.43 -7.92 5.27
N GLU A 45 -1.18 -8.74 4.24
CA GLU A 45 -1.71 -8.47 2.92
C GLU A 45 -3.23 -8.39 2.95
N ASP A 46 -3.87 -9.34 3.63
CA ASP A 46 -5.32 -9.36 3.70
C ASP A 46 -5.89 -8.38 4.72
N VAL A 47 -5.10 -7.42 5.17
CA VAL A 47 -5.60 -6.46 6.15
C VAL A 47 -5.63 -5.05 5.58
N ALA A 48 -4.51 -4.63 5.00
CA ALA A 48 -4.43 -3.31 4.42
C ALA A 48 -4.98 -3.30 2.99
N LYS A 49 -5.19 -4.49 2.41
CA LYS A 49 -5.75 -4.58 1.06
C LYS A 49 -7.03 -3.78 0.96
N ASP A 50 -7.92 -4.03 1.89
CA ASP A 50 -9.18 -3.35 1.94
C ASP A 50 -9.02 -1.86 2.21
N TYR A 51 -7.91 -1.49 2.83
CA TYR A 51 -7.66 -0.10 3.15
C TYR A 51 -7.64 0.77 1.89
N GLU A 52 -6.80 0.39 0.93
CA GLU A 52 -6.68 1.16 -0.30
C GLU A 52 -7.61 0.60 -1.36
N ASP A 53 -7.37 -0.65 -1.73
CA ASP A 53 -8.17 -1.34 -2.76
C ASP A 53 -9.64 -0.88 -2.72
N GLY A 54 -10.13 -0.61 -1.51
CA GLY A 54 -11.49 -0.14 -1.34
C GLY A 54 -11.57 1.37 -1.42
N LEU A 55 -10.65 2.06 -0.74
CA LEU A 55 -10.62 3.52 -0.75
C LEU A 55 -10.13 4.03 -2.09
N GLU A 56 -8.82 4.20 -2.25
CA GLU A 56 -8.26 4.68 -3.50
C GLU A 56 -8.29 3.57 -4.55
N TYR A 57 -9.49 3.10 -4.88
CA TYR A 57 -9.65 2.05 -5.86
C TYR A 57 -9.01 2.43 -7.20
N GLY A 1 -4.40 12.08 -9.40
CA GLY A 1 -3.91 11.96 -8.01
C GLY A 1 -3.84 10.53 -7.52
N SER A 2 -4.90 9.77 -7.77
CA SER A 2 -4.97 8.37 -7.37
C SER A 2 -4.84 8.23 -5.85
N GLN A 3 -5.59 9.06 -5.12
CA GLN A 3 -5.56 9.03 -3.66
C GLN A 3 -6.82 9.69 -3.09
N VAL A 4 -7.58 8.94 -2.30
CA VAL A 4 -8.80 9.48 -1.71
C VAL A 4 -8.50 10.39 -0.51
N PHE A 5 -8.04 9.77 0.58
CA PHE A 5 -7.74 10.49 1.79
C PHE A 5 -6.48 11.32 1.57
N GLU A 6 -5.74 11.56 2.63
CA GLU A 6 -4.50 12.28 2.55
C GLU A 6 -3.45 11.40 1.89
N TYR A 7 -3.37 10.17 2.40
CA TYR A 7 -2.46 9.15 1.91
C TYR A 7 -1.00 9.52 2.13
N ALA A 8 -0.69 10.01 3.34
CA ALA A 8 0.67 10.37 3.72
C ALA A 8 1.05 9.53 4.92
N GLU A 9 0.89 8.22 4.77
CA GLU A 9 1.17 7.28 5.83
C GLU A 9 2.58 7.50 6.37
N VAL A 10 3.51 7.60 5.44
CA VAL A 10 4.91 7.79 5.78
C VAL A 10 5.34 6.85 6.87
N ASP A 11 4.74 5.68 6.83
CA ASP A 11 4.99 4.61 7.81
C ASP A 11 3.85 3.57 7.80
N GLU A 12 2.69 3.95 7.26
CA GLU A 12 1.51 3.07 7.26
C GLU A 12 0.96 2.78 5.86
N ILE A 13 1.66 1.91 5.13
CA ILE A 13 1.30 1.49 3.76
C ILE A 13 0.42 2.46 2.98
N VAL A 14 0.95 2.99 1.89
CA VAL A 14 0.22 3.91 1.04
C VAL A 14 -0.29 3.21 -0.21
N GLU A 15 0.37 2.14 -0.62
CA GLU A 15 -0.08 1.45 -1.82
C GLU A 15 0.04 -0.06 -1.68
N LYS A 16 -0.97 -0.77 -2.17
CA LYS A 16 -1.02 -2.23 -2.03
C LYS A 16 -2.08 -2.87 -2.92
N ARG A 17 -1.81 -4.07 -3.46
CA ARG A 17 -2.78 -4.76 -4.33
C ARG A 17 -2.22 -6.05 -4.89
N GLY A 18 -1.00 -5.96 -5.35
CA GLY A 18 -0.31 -7.09 -5.92
C GLY A 18 -1.15 -7.92 -6.86
N LYS A 19 -0.81 -9.20 -6.96
CA LYS A 19 -1.50 -10.14 -7.82
C LYS A 19 -2.36 -11.10 -6.99
N GLY A 20 -2.66 -12.28 -7.54
CA GLY A 20 -3.46 -13.24 -6.83
C GLY A 20 -2.67 -13.98 -5.76
N LYS A 21 -1.37 -14.11 -5.97
CA LYS A 21 -0.52 -14.83 -5.01
C LYS A 21 0.82 -14.13 -4.82
N ASP A 22 0.82 -12.81 -4.96
CA ASP A 22 2.02 -12.01 -4.79
C ASP A 22 1.63 -10.56 -4.60
N VAL A 23 1.70 -10.12 -3.36
CA VAL A 23 1.32 -8.77 -3.00
C VAL A 23 2.24 -8.25 -1.92
N GLU A 24 2.06 -6.98 -1.64
CA GLU A 24 2.81 -6.31 -0.64
C GLU A 24 2.25 -4.90 -0.41
N TYR A 25 2.41 -4.52 0.86
CA TYR A 25 1.88 -3.31 1.40
C TYR A 25 2.98 -2.49 2.04
N LEU A 26 3.37 -1.43 1.32
CA LEU A 26 4.45 -0.54 1.73
C LEU A 26 4.82 0.45 0.63
N VAL A 27 4.16 1.61 0.57
CA VAL A 27 4.48 2.60 -0.44
C VAL A 27 4.43 4.02 0.13
N ARG A 28 4.65 4.13 1.44
CA ARG A 28 4.61 5.40 2.17
C ARG A 28 6.00 5.88 2.69
N TRP A 29 6.28 5.51 3.95
CA TRP A 29 7.49 5.84 4.69
C TRP A 29 8.63 6.47 3.88
N LYS A 30 9.08 5.76 2.87
CA LYS A 30 10.22 6.18 2.07
C LYS A 30 9.78 6.64 0.70
N ASP A 31 9.00 5.75 0.07
CA ASP A 31 8.49 5.97 -1.27
C ASP A 31 8.11 7.43 -1.53
N GLY A 32 8.44 7.87 -2.74
CA GLY A 32 8.15 9.21 -3.19
C GLY A 32 8.43 9.33 -4.67
N GLY A 33 9.64 8.92 -5.05
CA GLY A 33 10.03 8.95 -6.43
C GLY A 33 9.81 7.59 -7.09
N ASP A 34 10.14 6.53 -6.35
CA ASP A 34 10.00 5.17 -6.84
C ASP A 34 9.33 4.28 -5.78
N CYS A 35 8.81 3.14 -6.22
CA CYS A 35 8.14 2.19 -5.32
C CYS A 35 9.16 1.45 -4.45
N GLU A 36 8.77 1.16 -3.21
CA GLU A 36 9.67 0.44 -2.29
C GLU A 36 8.93 -0.56 -1.41
N TRP A 37 7.86 -1.19 -1.91
CA TRP A 37 7.15 -2.20 -1.11
C TRP A 37 8.16 -3.22 -0.57
N VAL A 38 7.66 -4.22 0.15
CA VAL A 38 8.50 -5.28 0.64
C VAL A 38 7.80 -6.63 0.41
N LYS A 39 6.83 -6.90 1.26
CA LYS A 39 6.06 -8.12 1.21
C LYS A 39 4.72 -7.94 1.92
N GLY A 40 3.69 -8.56 1.38
CA GLY A 40 2.38 -8.45 1.98
C GLY A 40 2.17 -9.47 3.06
N VAL A 41 2.71 -10.64 2.83
CA VAL A 41 2.55 -11.74 3.78
C VAL A 41 3.03 -11.39 5.18
N HIS A 42 4.09 -10.58 5.28
CA HIS A 42 4.59 -10.20 6.60
C HIS A 42 4.11 -8.80 7.01
N VAL A 43 3.60 -8.04 6.05
CA VAL A 43 3.08 -6.71 6.34
C VAL A 43 1.56 -6.71 6.35
N ALA A 44 0.98 -7.81 6.82
CA ALA A 44 -0.46 -7.96 6.87
C ALA A 44 -1.07 -7.63 5.52
N GLU A 45 -0.85 -8.53 4.58
CA GLU A 45 -1.31 -8.38 3.22
C GLU A 45 -2.81 -8.07 3.14
N ASP A 46 -3.63 -8.97 3.67
CA ASP A 46 -5.08 -8.80 3.61
C ASP A 46 -5.59 -7.72 4.56
N VAL A 47 -4.70 -7.05 5.27
CA VAL A 47 -5.11 -6.01 6.21
C VAL A 47 -5.04 -4.63 5.56
N ALA A 48 -3.93 -4.35 4.91
CA ALA A 48 -3.72 -3.07 4.26
C ALA A 48 -4.46 -2.95 2.93
N LYS A 49 -4.75 -4.09 2.31
CA LYS A 49 -5.45 -4.08 1.02
C LYS A 49 -6.71 -3.23 1.09
N ASP A 50 -7.51 -3.47 2.11
CA ASP A 50 -8.74 -2.73 2.29
C ASP A 50 -8.50 -1.24 2.40
N TYR A 51 -7.33 -0.87 2.90
CA TYR A 51 -6.99 0.52 3.04
C TYR A 51 -7.06 1.27 1.71
N GLU A 52 -6.29 0.79 0.73
CA GLU A 52 -6.28 1.43 -0.58
C GLU A 52 -7.50 1.01 -1.36
N ASP A 53 -7.48 -0.24 -1.77
CA ASP A 53 -8.58 -0.86 -2.52
C ASP A 53 -9.94 -0.27 -2.10
N GLY A 54 -10.09 -0.02 -0.80
CA GLY A 54 -11.31 0.56 -0.29
C GLY A 54 -11.37 2.06 -0.55
N LEU A 55 -10.31 2.76 -0.16
CA LEU A 55 -10.22 4.21 -0.37
C LEU A 55 -10.01 4.51 -1.84
N GLU A 56 -8.79 4.26 -2.32
CA GLU A 56 -8.46 4.50 -3.72
C GLU A 56 -9.03 3.40 -4.61
N TYR A 57 -10.34 3.21 -4.55
CA TYR A 57 -10.99 2.18 -5.36
C TYR A 57 -10.83 2.48 -6.85
N GLY A 1 -14.89 10.77 -7.06
CA GLY A 1 -14.29 10.84 -5.71
C GLY A 1 -13.40 9.65 -5.40
N SER A 2 -12.55 9.27 -6.35
CA SER A 2 -11.65 8.14 -6.16
C SER A 2 -10.77 8.34 -4.95
N GLN A 3 -10.20 9.54 -4.83
CA GLN A 3 -9.33 9.87 -3.71
C GLN A 3 -10.12 9.86 -2.40
N VAL A 4 -9.62 9.16 -1.38
CA VAL A 4 -10.32 9.11 -0.11
C VAL A 4 -9.47 9.70 1.04
N PHE A 5 -8.85 8.85 1.85
CA PHE A 5 -8.05 9.29 2.97
C PHE A 5 -6.99 10.26 2.52
N GLU A 6 -6.14 10.66 3.46
CA GLU A 6 -5.07 11.58 3.16
C GLU A 6 -3.89 10.84 2.54
N TYR A 7 -3.60 9.67 3.09
CA TYR A 7 -2.50 8.84 2.59
C TYR A 7 -1.13 9.48 2.80
N ALA A 8 -0.87 9.88 4.04
CA ALA A 8 0.42 10.47 4.39
C ALA A 8 1.06 9.59 5.44
N GLU A 9 0.87 8.29 5.23
CA GLU A 9 1.37 7.25 6.08
C GLU A 9 2.82 7.49 6.46
N VAL A 10 3.63 7.52 5.42
CA VAL A 10 5.08 7.69 5.55
C VAL A 10 5.59 6.70 6.58
N ASP A 11 5.06 5.49 6.44
CA ASP A 11 5.35 4.36 7.34
C ASP A 11 4.20 3.32 7.31
N GLU A 12 2.98 3.78 6.98
CA GLU A 12 1.79 2.90 6.99
C GLU A 12 1.17 2.73 5.60
N ILE A 13 1.85 1.96 4.77
CA ILE A 13 1.44 1.66 3.38
C ILE A 13 0.58 2.73 2.72
N VAL A 14 1.08 3.22 1.59
CA VAL A 14 0.37 4.18 0.79
C VAL A 14 -0.20 3.46 -0.42
N GLU A 15 0.36 2.28 -0.74
CA GLU A 15 -0.13 1.56 -1.90
C GLU A 15 0.12 0.04 -1.83
N LYS A 16 -0.57 -0.71 -2.70
CA LYS A 16 -0.45 -2.17 -2.74
C LYS A 16 -0.84 -2.73 -4.11
N ARG A 17 -0.66 -4.06 -4.28
CA ARG A 17 -1.02 -4.74 -5.52
C ARG A 17 -0.45 -6.15 -5.55
N GLY A 18 -1.31 -7.15 -5.65
CA GLY A 18 -0.84 -8.51 -5.68
C GLY A 18 -1.95 -9.53 -5.86
N LYS A 19 -1.62 -10.65 -6.49
CA LYS A 19 -2.58 -11.71 -6.72
C LYS A 19 -2.88 -12.47 -5.42
N GLY A 20 -3.43 -13.67 -5.55
CA GLY A 20 -3.75 -14.48 -4.38
C GLY A 20 -2.52 -15.00 -3.66
N LYS A 21 -1.42 -15.15 -4.38
CA LYS A 21 -0.19 -15.66 -3.77
C LYS A 21 1.01 -14.77 -4.11
N ASP A 22 0.83 -13.46 -3.96
CA ASP A 22 1.89 -12.50 -4.22
C ASP A 22 1.35 -11.09 -4.17
N VAL A 23 1.80 -10.35 -3.18
CA VAL A 23 1.38 -8.97 -2.96
C VAL A 23 2.38 -8.28 -2.04
N GLU A 24 2.18 -6.99 -1.83
CA GLU A 24 3.03 -6.23 -0.95
C GLU A 24 2.52 -4.82 -0.73
N TYR A 25 2.78 -4.37 0.50
CA TYR A 25 2.35 -3.08 0.98
C TYR A 25 3.49 -2.30 1.56
N LEU A 26 3.68 -1.07 1.04
CA LEU A 26 4.75 -0.19 1.46
C LEU A 26 5.04 0.84 0.37
N VAL A 27 4.29 1.92 0.31
CA VAL A 27 4.55 2.93 -0.71
C VAL A 27 4.40 4.32 -0.11
N ARG A 28 4.78 4.41 1.15
CA ARG A 28 4.62 5.64 1.90
C ARG A 28 5.87 6.24 2.55
N TRP A 29 6.52 5.43 3.34
CA TRP A 29 7.67 5.80 4.09
C TRP A 29 8.70 6.58 3.27
N LYS A 30 9.58 5.85 2.62
CA LYS A 30 10.62 6.43 1.80
C LYS A 30 10.08 6.72 0.41
N ASP A 31 10.34 5.80 -0.53
CA ASP A 31 9.84 5.90 -1.89
C ASP A 31 9.72 7.34 -2.39
N GLY A 32 10.85 8.03 -2.41
CA GLY A 32 10.86 9.38 -2.92
C GLY A 32 11.05 9.40 -4.44
N GLY A 33 12.09 8.70 -4.91
CA GLY A 33 12.36 8.60 -6.34
C GLY A 33 11.66 7.40 -6.99
N ASP A 34 11.74 6.23 -6.34
CA ASP A 34 11.11 4.99 -6.84
C ASP A 34 10.27 4.36 -5.72
N CYS A 35 9.42 3.43 -6.09
CA CYS A 35 8.59 2.72 -5.11
C CYS A 35 9.42 1.60 -4.48
N GLU A 36 9.32 1.41 -3.17
CA GLU A 36 10.09 0.37 -2.49
C GLU A 36 9.18 -0.58 -1.72
N TRP A 37 7.93 -0.68 -2.10
CA TRP A 37 7.03 -1.56 -1.38
C TRP A 37 7.53 -2.99 -1.52
N VAL A 38 7.66 -3.74 -0.42
CA VAL A 38 8.14 -5.09 -0.53
C VAL A 38 7.29 -5.96 0.41
N LYS A 39 7.06 -7.27 0.14
CA LYS A 39 6.26 -8.11 1.08
C LYS A 39 4.92 -7.48 1.51
N GLY A 40 3.93 -8.36 1.57
CA GLY A 40 2.60 -7.97 1.97
C GLY A 40 2.18 -8.73 3.21
N VAL A 41 2.13 -10.06 3.09
CA VAL A 41 1.78 -10.90 4.23
C VAL A 41 2.54 -10.45 5.45
N HIS A 42 3.81 -10.10 5.24
CA HIS A 42 4.66 -9.59 6.29
C HIS A 42 4.24 -8.16 6.61
N VAL A 43 3.97 -7.40 5.56
CA VAL A 43 3.55 -6.02 5.70
C VAL A 43 2.02 -5.89 5.71
N ALA A 44 1.35 -6.79 6.42
CA ALA A 44 -0.10 -6.76 6.50
C ALA A 44 -0.73 -6.75 5.11
N GLU A 45 -0.52 -7.84 4.37
CA GLU A 45 -1.04 -7.93 3.02
C GLU A 45 -2.55 -7.76 2.98
N ASP A 46 -3.26 -8.58 3.75
CA ASP A 46 -4.71 -8.52 3.77
C ASP A 46 -5.22 -7.50 4.79
N VAL A 47 -4.41 -6.48 5.08
CA VAL A 47 -4.81 -5.45 6.03
C VAL A 47 -4.87 -4.09 5.36
N ALA A 48 -3.87 -3.80 4.53
CA ALA A 48 -3.83 -2.53 3.84
C ALA A 48 -4.58 -2.61 2.51
N LYS A 49 -4.72 -3.82 1.97
CA LYS A 49 -5.43 -4.00 0.70
C LYS A 49 -6.77 -3.29 0.74
N ASP A 50 -7.52 -3.54 1.79
CA ASP A 50 -8.83 -2.93 1.96
C ASP A 50 -8.72 -1.43 2.14
N TYR A 51 -7.56 -0.97 2.55
CA TYR A 51 -7.35 0.45 2.78
C TYR A 51 -7.43 1.26 1.49
N GLU A 52 -6.62 0.88 0.50
CA GLU A 52 -6.59 1.60 -0.77
C GLU A 52 -7.54 0.99 -1.77
N ASP A 53 -7.27 -0.28 -2.08
CA ASP A 53 -8.05 -1.05 -3.04
C ASP A 53 -9.52 -0.64 -3.06
N GLY A 54 -10.05 -0.31 -1.89
CA GLY A 54 -11.43 0.15 -1.80
C GLY A 54 -11.54 1.66 -1.88
N LEU A 55 -10.72 2.33 -1.08
CA LEU A 55 -10.70 3.80 -1.04
C LEU A 55 -10.13 4.37 -2.33
N GLU A 56 -8.80 4.57 -2.37
CA GLU A 56 -8.15 5.11 -3.56
C GLU A 56 -8.07 4.07 -4.67
N TYR A 57 -9.23 3.56 -5.10
CA TYR A 57 -9.28 2.55 -6.15
C TYR A 57 -8.47 2.99 -7.37
N GLY A 1 -5.36 4.09 -9.10
CA GLY A 1 -6.03 5.04 -8.16
C GLY A 1 -5.05 6.04 -7.57
N SER A 2 -5.43 7.31 -7.59
CA SER A 2 -4.59 8.38 -7.07
C SER A 2 -4.55 8.35 -5.54
N GLN A 3 -5.69 8.64 -4.92
CA GLN A 3 -5.80 8.66 -3.45
C GLN A 3 -7.14 9.25 -3.03
N VAL A 4 -7.86 8.56 -2.15
CA VAL A 4 -9.14 9.05 -1.68
C VAL A 4 -8.99 9.91 -0.42
N PHE A 5 -8.74 9.25 0.71
CA PHE A 5 -8.61 9.93 1.97
C PHE A 5 -7.32 10.79 1.98
N GLU A 6 -6.46 10.57 2.96
CA GLU A 6 -5.21 11.30 3.07
C GLU A 6 -4.07 10.54 2.41
N TYR A 7 -3.91 9.29 2.83
CA TYR A 7 -2.87 8.41 2.33
C TYR A 7 -1.50 9.08 2.40
N ALA A 8 -1.21 9.75 3.52
CA ALA A 8 0.06 10.43 3.72
C ALA A 8 0.69 9.89 4.99
N GLU A 9 0.53 8.60 5.21
CA GLU A 9 1.03 7.95 6.38
C GLU A 9 2.53 8.06 6.52
N VAL A 10 3.25 7.90 5.41
CA VAL A 10 4.69 8.00 5.45
C VAL A 10 5.22 7.11 6.58
N ASP A 11 4.67 5.90 6.62
CA ASP A 11 5.01 4.90 7.64
C ASP A 11 3.92 3.79 7.80
N GLU A 12 2.74 3.96 7.18
CA GLU A 12 1.63 2.96 7.27
C GLU A 12 1.11 2.56 5.87
N ILE A 13 1.95 1.94 5.04
CA ILE A 13 1.59 1.58 3.66
C ILE A 13 0.66 2.60 2.95
N VAL A 14 1.13 3.20 1.86
CA VAL A 14 0.33 4.11 1.10
C VAL A 14 -0.30 3.38 -0.10
N GLU A 15 0.12 2.12 -0.36
CA GLU A 15 -0.46 1.40 -1.50
C GLU A 15 -0.34 -0.13 -1.40
N LYS A 16 -0.67 -0.82 -2.52
CA LYS A 16 -0.64 -2.29 -2.54
C LYS A 16 -1.11 -2.83 -3.90
N ARG A 17 -1.48 -4.14 -3.95
CA ARG A 17 -1.97 -4.77 -5.17
C ARG A 17 -0.85 -5.31 -6.04
N GLY A 18 0.02 -6.13 -5.48
CA GLY A 18 1.11 -6.69 -6.27
C GLY A 18 0.59 -7.57 -7.40
N LYS A 19 1.44 -8.48 -7.87
CA LYS A 19 1.06 -9.40 -8.93
C LYS A 19 0.00 -10.40 -8.43
N GLY A 20 -0.09 -11.56 -9.07
CA GLY A 20 -1.07 -12.56 -8.68
C GLY A 20 -0.85 -13.11 -7.28
N LYS A 21 0.38 -13.05 -6.80
CA LYS A 21 0.70 -13.58 -5.47
C LYS A 21 1.61 -12.63 -4.69
N ASP A 22 2.62 -12.12 -5.36
CA ASP A 22 3.57 -11.19 -4.74
C ASP A 22 2.94 -9.83 -4.47
N VAL A 23 1.92 -9.85 -3.63
CA VAL A 23 1.23 -8.67 -3.16
C VAL A 23 2.03 -8.09 -2.01
N GLU A 24 1.92 -6.79 -1.83
CA GLU A 24 2.64 -6.14 -0.78
C GLU A 24 2.05 -4.79 -0.43
N TYR A 25 2.29 -4.43 0.82
CA TYR A 25 1.78 -3.23 1.41
C TYR A 25 2.86 -2.42 2.10
N LEU A 26 3.28 -1.37 1.42
CA LEU A 26 4.32 -0.49 1.91
C LEU A 26 4.64 0.57 0.86
N VAL A 27 3.84 1.62 0.71
CA VAL A 27 4.17 2.61 -0.33
C VAL A 27 4.08 4.03 0.19
N ARG A 28 4.46 4.24 1.43
CA ARG A 28 4.33 5.56 2.07
C ARG A 28 5.58 6.13 2.71
N TRP A 29 6.27 5.29 3.44
CA TRP A 29 7.45 5.69 4.14
C TRP A 29 8.39 6.50 3.24
N LYS A 30 9.28 5.81 2.59
CA LYS A 30 10.24 6.44 1.71
C LYS A 30 9.56 6.74 0.38
N ASP A 31 9.80 5.90 -0.63
CA ASP A 31 9.20 6.07 -1.94
C ASP A 31 9.24 7.53 -2.36
N GLY A 32 8.26 7.97 -3.14
CA GLY A 32 8.24 9.34 -3.62
C GLY A 32 9.10 9.47 -4.85
N GLY A 33 10.34 9.03 -4.77
CA GLY A 33 11.22 9.07 -5.91
C GLY A 33 11.03 7.83 -6.75
N ASP A 34 10.97 6.70 -6.05
CA ASP A 34 10.78 5.40 -6.68
C ASP A 34 9.69 4.62 -5.92
N CYS A 35 9.71 3.29 -5.99
CA CYS A 35 8.73 2.47 -5.28
C CYS A 35 9.49 1.46 -4.45
N GLU A 36 9.04 1.20 -3.21
CA GLU A 36 9.78 0.28 -2.33
C GLU A 36 8.92 -0.66 -1.51
N TRP A 37 7.64 -0.70 -1.81
CA TRP A 37 6.73 -1.59 -1.11
C TRP A 37 7.20 -3.01 -1.36
N VAL A 38 7.23 -3.80 -0.26
CA VAL A 38 7.66 -5.21 -0.25
C VAL A 38 6.83 -6.08 0.71
N LYS A 39 6.64 -7.38 0.38
CA LYS A 39 5.89 -8.29 1.23
C LYS A 39 4.56 -7.70 1.68
N GLY A 40 3.50 -8.51 1.55
CA GLY A 40 2.15 -8.13 1.93
C GLY A 40 1.66 -9.03 3.04
N VAL A 41 1.58 -10.33 2.75
CA VAL A 41 1.13 -11.30 3.75
C VAL A 41 1.84 -11.04 5.08
N HIS A 42 3.13 -10.70 4.96
CA HIS A 42 3.93 -10.37 6.11
C HIS A 42 3.58 -8.97 6.57
N VAL A 43 3.39 -8.09 5.58
CA VAL A 43 3.04 -6.70 5.86
C VAL A 43 1.53 -6.50 5.88
N ALA A 44 0.81 -7.43 6.49
CA ALA A 44 -0.64 -7.33 6.57
C ALA A 44 -1.24 -7.17 5.18
N GLU A 45 -1.10 -8.21 4.36
CA GLU A 45 -1.61 -8.17 3.00
C GLU A 45 -3.09 -7.82 2.95
N ASP A 46 -3.90 -8.75 3.45
CA ASP A 46 -5.36 -8.60 3.43
C ASP A 46 -5.83 -7.52 4.41
N VAL A 47 -4.92 -6.94 5.18
CA VAL A 47 -5.31 -5.92 6.14
C VAL A 47 -5.31 -4.54 5.51
N ALA A 48 -4.27 -4.24 4.75
CA ALA A 48 -4.17 -2.95 4.11
C ALA A 48 -4.88 -2.92 2.76
N LYS A 49 -5.14 -4.09 2.17
CA LYS A 49 -5.84 -4.13 0.89
C LYS A 49 -7.14 -3.37 0.97
N ASP A 50 -7.91 -3.65 2.00
CA ASP A 50 -9.17 -2.99 2.19
C ASP A 50 -8.99 -1.47 2.27
N TYR A 51 -7.83 -1.07 2.77
CA TYR A 51 -7.52 0.35 2.89
C TYR A 51 -7.35 1.00 1.53
N GLU A 52 -6.49 0.38 0.72
CA GLU A 52 -6.18 0.88 -0.61
C GLU A 52 -7.25 0.45 -1.60
N ASP A 53 -7.33 -0.86 -1.77
CA ASP A 53 -8.30 -1.48 -2.66
C ASP A 53 -9.68 -0.82 -2.54
N GLY A 54 -10.09 -0.54 -1.31
CA GLY A 54 -11.39 0.08 -1.08
C GLY A 54 -11.40 1.57 -1.38
N LEU A 55 -10.55 2.32 -0.70
CA LEU A 55 -10.48 3.77 -0.91
C LEU A 55 -9.92 4.11 -2.28
N GLU A 56 -8.60 4.03 -2.41
CA GLU A 56 -7.94 4.34 -3.67
C GLU A 56 -8.13 3.20 -4.69
N TYR A 57 -9.37 2.84 -4.96
CA TYR A 57 -9.67 1.77 -5.90
C TYR A 57 -9.19 2.12 -7.30
N GLY A 1 -0.52 12.25 -6.62
CA GLY A 1 -1.66 12.36 -7.56
C GLY A 1 -2.96 12.69 -6.85
N SER A 2 -4.04 12.01 -7.24
CA SER A 2 -5.34 12.24 -6.63
C SER A 2 -5.32 11.88 -5.15
N GLN A 3 -4.77 10.70 -4.85
CA GLN A 3 -4.67 10.20 -3.46
C GLN A 3 -6.00 10.30 -2.73
N VAL A 4 -6.60 9.16 -2.44
CA VAL A 4 -7.87 9.11 -1.75
C VAL A 4 -7.84 9.87 -0.42
N PHE A 5 -7.62 9.14 0.68
CA PHE A 5 -7.61 9.74 1.98
C PHE A 5 -6.49 10.77 2.03
N GLU A 6 -5.93 11.00 3.21
CA GLU A 6 -4.81 11.90 3.36
C GLU A 6 -3.60 11.28 2.67
N TYR A 7 -3.48 9.97 2.86
CA TYR A 7 -2.41 9.17 2.29
C TYR A 7 -1.02 9.62 2.75
N ALA A 8 -0.95 10.07 4.00
CA ALA A 8 0.31 10.49 4.57
C ALA A 8 0.63 9.56 5.73
N GLU A 9 0.69 8.28 5.41
CA GLU A 9 0.95 7.27 6.40
C GLU A 9 2.41 7.37 6.75
N VAL A 10 3.21 7.42 5.69
CA VAL A 10 4.64 7.55 5.81
C VAL A 10 5.19 6.61 6.86
N ASP A 11 4.66 5.40 6.79
CA ASP A 11 5.01 4.31 7.70
C ASP A 11 3.91 3.24 7.75
N GLU A 12 2.69 3.60 7.35
CA GLU A 12 1.56 2.64 7.40
C GLU A 12 0.96 2.38 6.04
N ILE A 13 1.66 1.60 5.23
CA ILE A 13 1.25 1.21 3.87
C ILE A 13 0.25 2.14 3.18
N VAL A 14 0.67 2.65 2.03
CA VAL A 14 -0.12 3.53 1.22
C VAL A 14 -0.69 2.79 0.03
N GLU A 15 -0.05 1.71 -0.39
CA GLU A 15 -0.58 0.99 -1.55
C GLU A 15 -0.44 -0.52 -1.45
N LYS A 16 -0.81 -1.20 -2.55
CA LYS A 16 -0.76 -2.66 -2.61
C LYS A 16 -1.12 -3.19 -4.00
N ARG A 17 -1.58 -4.45 -4.06
CA ARG A 17 -1.98 -5.08 -5.32
C ARG A 17 -0.78 -5.43 -6.20
N GLY A 18 0.16 -6.18 -5.65
CA GLY A 18 1.33 -6.57 -6.42
C GLY A 18 1.04 -7.56 -7.53
N LYS A 19 2.05 -8.38 -7.81
CA LYS A 19 1.98 -9.39 -8.86
C LYS A 19 0.73 -10.26 -8.72
N GLY A 20 0.58 -11.21 -9.64
CA GLY A 20 -0.56 -12.10 -9.60
C GLY A 20 -0.56 -12.99 -8.38
N LYS A 21 0.62 -13.45 -7.98
CA LYS A 21 0.75 -14.31 -6.82
C LYS A 21 1.75 -13.73 -5.82
N ASP A 22 1.73 -12.41 -5.69
CA ASP A 22 2.61 -11.69 -4.77
C ASP A 22 2.07 -10.28 -4.55
N VAL A 23 1.49 -10.12 -3.39
CA VAL A 23 0.93 -8.85 -2.95
C VAL A 23 1.75 -8.29 -1.83
N GLU A 24 1.59 -7.00 -1.58
CA GLU A 24 2.33 -6.36 -0.54
C GLU A 24 1.89 -4.91 -0.32
N TYR A 25 2.12 -4.50 0.94
CA TYR A 25 1.79 -3.20 1.42
C TYR A 25 2.98 -2.47 1.98
N LEU A 26 3.27 -1.34 1.35
CA LEU A 26 4.39 -0.48 1.68
C LEU A 26 4.63 0.52 0.56
N VAL A 27 3.90 1.63 0.60
CA VAL A 27 4.04 2.66 -0.43
C VAL A 27 3.86 4.05 0.19
N ARG A 28 4.20 4.16 1.46
CA ARG A 28 4.07 5.43 2.20
C ARG A 28 5.41 6.08 2.63
N TRP A 29 5.94 5.56 3.74
CA TRP A 29 7.15 5.99 4.40
C TRP A 29 8.19 6.75 3.57
N LYS A 30 8.91 6.05 2.72
CA LYS A 30 9.99 6.63 1.94
C LYS A 30 9.57 6.96 0.51
N ASP A 31 9.04 5.94 -0.16
CA ASP A 31 8.58 6.03 -1.55
C ASP A 31 8.11 7.43 -1.94
N GLY A 32 8.49 7.85 -3.15
CA GLY A 32 8.11 9.16 -3.64
C GLY A 32 8.09 9.17 -5.15
N GLY A 33 9.21 8.79 -5.75
CA GLY A 33 9.29 8.72 -7.20
C GLY A 33 8.89 7.36 -7.69
N ASP A 34 9.21 6.35 -6.87
CA ASP A 34 8.89 4.97 -7.16
C ASP A 34 8.33 4.28 -5.92
N CYS A 35 7.81 3.07 -6.09
CA CYS A 35 7.25 2.32 -4.98
C CYS A 35 8.31 1.39 -4.37
N GLU A 36 8.28 1.24 -3.04
CA GLU A 36 9.24 0.38 -2.36
C GLU A 36 8.54 -0.64 -1.46
N TRP A 37 7.52 -1.29 -1.98
CA TRP A 37 6.83 -2.30 -1.19
C TRP A 37 7.84 -3.31 -0.66
N VAL A 38 7.37 -4.25 0.13
CA VAL A 38 8.21 -5.30 0.65
C VAL A 38 7.47 -6.63 0.60
N LYS A 39 6.35 -6.66 1.28
CA LYS A 39 5.50 -7.84 1.38
C LYS A 39 4.14 -7.51 1.93
N GLY A 40 3.15 -8.37 1.69
CA GLY A 40 1.82 -8.11 2.19
C GLY A 40 1.46 -9.08 3.27
N VAL A 41 1.52 -10.36 2.93
CA VAL A 41 1.19 -11.42 3.87
C VAL A 41 1.81 -11.14 5.24
N HIS A 42 3.00 -10.57 5.24
CA HIS A 42 3.69 -10.22 6.45
C HIS A 42 3.25 -8.83 6.91
N VAL A 43 3.09 -7.93 5.95
CA VAL A 43 2.68 -6.55 6.24
C VAL A 43 1.16 -6.41 6.25
N ALA A 44 0.46 -7.39 6.80
CA ALA A 44 -0.99 -7.34 6.86
C ALA A 44 -1.60 -7.19 5.47
N GLU A 45 -1.30 -8.14 4.59
CA GLU A 45 -1.80 -8.11 3.23
C GLU A 45 -3.32 -7.99 3.20
N ASP A 46 -3.99 -8.84 3.95
CA ASP A 46 -5.45 -8.82 4.00
C ASP A 46 -5.98 -7.78 4.98
N VAL A 47 -5.18 -6.78 5.32
CA VAL A 47 -5.61 -5.75 6.24
C VAL A 47 -5.68 -4.40 5.56
N ALA A 48 -4.63 -4.05 4.84
CA ALA A 48 -4.58 -2.79 4.13
C ALA A 48 -5.24 -2.91 2.76
N LYS A 49 -5.45 -4.15 2.30
CA LYS A 49 -6.07 -4.36 1.01
C LYS A 49 -7.42 -3.65 0.96
N ASP A 50 -8.23 -3.90 1.97
CA ASP A 50 -9.54 -3.30 2.07
C ASP A 50 -9.46 -1.82 2.37
N TYR A 51 -8.39 -1.45 3.03
CA TYR A 51 -8.17 -0.06 3.39
C TYR A 51 -8.01 0.84 2.17
N GLU A 52 -7.01 0.53 1.37
CA GLU A 52 -6.68 1.37 0.25
C GLU A 52 -7.21 0.88 -1.08
N ASP A 53 -7.06 -0.41 -1.36
CA ASP A 53 -7.55 -0.97 -2.62
C ASP A 53 -8.95 -0.45 -2.91
N GLY A 54 -9.69 -0.16 -1.83
CA GLY A 54 -11.01 0.39 -1.94
C GLY A 54 -11.00 1.90 -2.14
N LEU A 55 -10.04 2.58 -1.51
CA LEU A 55 -9.91 4.02 -1.64
C LEU A 55 -9.12 4.35 -2.89
N GLU A 56 -7.82 4.07 -2.83
CA GLU A 56 -6.93 4.32 -3.97
C GLU A 56 -7.08 3.24 -5.05
N TYR A 57 -8.31 3.00 -5.49
CA TYR A 57 -8.57 1.99 -6.51
C TYR A 57 -7.84 2.33 -7.80
N GLY A 1 -16.01 8.62 -3.10
CA GLY A 1 -15.77 8.53 -1.63
C GLY A 1 -14.58 7.66 -1.29
N SER A 2 -13.73 8.14 -0.40
CA SER A 2 -12.55 7.39 0.00
C SER A 2 -11.77 8.14 1.09
N GLN A 3 -11.46 9.39 0.83
CA GLN A 3 -10.74 10.23 1.77
C GLN A 3 -9.38 9.62 2.13
N VAL A 4 -8.91 8.69 1.31
CA VAL A 4 -7.62 8.05 1.55
C VAL A 4 -6.61 8.49 0.50
N PHE A 5 -7.12 8.71 -0.70
CA PHE A 5 -6.33 9.19 -1.83
C PHE A 5 -5.30 10.24 -1.41
N GLU A 6 -5.57 10.97 -0.32
CA GLU A 6 -4.61 11.93 0.17
C GLU A 6 -3.32 11.22 0.51
N TYR A 7 -3.40 10.15 1.28
CA TYR A 7 -2.25 9.35 1.58
C TYR A 7 -1.07 10.20 1.99
N ALA A 8 0.07 9.54 2.06
CA ALA A 8 1.35 10.14 2.47
C ALA A 8 1.56 9.92 3.96
N GLU A 9 1.22 8.71 4.40
CA GLU A 9 1.35 8.33 5.79
C GLU A 9 2.82 8.36 6.22
N VAL A 10 3.69 8.12 5.25
CA VAL A 10 5.13 8.11 5.49
C VAL A 10 5.48 7.24 6.67
N ASP A 11 4.91 6.05 6.67
CA ASP A 11 5.13 5.04 7.74
C ASP A 11 4.01 3.97 7.84
N GLU A 12 2.82 4.21 7.28
CA GLU A 12 1.69 3.24 7.40
C GLU A 12 1.10 2.85 6.04
N ILE A 13 1.89 2.17 5.22
CA ILE A 13 1.49 1.73 3.87
C ILE A 13 0.67 2.78 3.09
N VAL A 14 1.16 3.12 1.90
CA VAL A 14 0.50 4.08 1.04
C VAL A 14 -0.14 3.37 -0.13
N GLU A 15 0.45 2.25 -0.54
CA GLU A 15 -0.11 1.55 -1.69
C GLU A 15 -0.34 0.07 -1.44
N LYS A 16 -0.49 -0.70 -2.52
CA LYS A 16 -0.76 -2.13 -2.40
C LYS A 16 -0.86 -2.83 -3.75
N ARG A 17 -1.16 -4.14 -3.73
CA ARG A 17 -1.33 -4.92 -4.95
C ARG A 17 0.00 -5.08 -5.69
N GLY A 18 0.24 -6.29 -6.18
CA GLY A 18 1.47 -6.55 -6.91
C GLY A 18 1.39 -7.72 -7.88
N LYS A 19 2.53 -8.37 -8.07
CA LYS A 19 2.64 -9.50 -8.98
C LYS A 19 1.53 -10.51 -8.78
N GLY A 20 1.18 -11.23 -9.84
CA GLY A 20 0.13 -12.22 -9.73
C GLY A 20 0.31 -13.11 -8.52
N LYS A 21 1.56 -13.32 -8.13
CA LYS A 21 1.88 -14.14 -6.97
C LYS A 21 2.80 -13.40 -6.01
N ASP A 22 2.47 -12.15 -5.71
CA ASP A 22 3.26 -11.34 -4.79
C ASP A 22 2.61 -9.98 -4.58
N VAL A 23 2.05 -9.81 -3.40
CA VAL A 23 1.38 -8.58 -2.98
C VAL A 23 2.13 -7.97 -1.83
N GLU A 24 2.14 -6.66 -1.77
CA GLU A 24 2.79 -5.97 -0.69
C GLU A 24 2.19 -4.61 -0.41
N TYR A 25 2.34 -4.24 0.85
CA TYR A 25 1.80 -3.00 1.36
C TYR A 25 2.87 -2.23 2.08
N LEU A 26 3.44 -1.30 1.35
CA LEU A 26 4.49 -0.46 1.86
C LEU A 26 4.99 0.48 0.78
N VAL A 27 4.31 1.62 0.69
CA VAL A 27 4.63 2.61 -0.32
C VAL A 27 4.51 4.05 0.20
N ARG A 28 4.76 4.24 1.49
CA ARG A 28 4.58 5.57 2.10
C ARG A 28 5.80 6.17 2.79
N TRP A 29 6.45 5.34 3.57
CA TRP A 29 7.60 5.71 4.36
C TRP A 29 8.62 6.59 3.63
N LYS A 30 9.43 5.96 2.83
CA LYS A 30 10.49 6.61 2.08
C LYS A 30 9.99 7.10 0.74
N ASP A 31 9.31 6.19 0.04
CA ASP A 31 8.75 6.45 -1.30
C ASP A 31 8.49 7.93 -1.57
N GLY A 32 8.73 8.29 -2.83
CA GLY A 32 8.51 9.65 -3.30
C GLY A 32 8.46 9.66 -4.81
N GLY A 33 9.51 9.14 -5.43
CA GLY A 33 9.57 9.08 -6.87
C GLY A 33 9.03 7.77 -7.42
N ASP A 34 9.38 6.66 -6.76
CA ASP A 34 8.95 5.32 -7.17
C ASP A 34 8.39 4.57 -5.96
N CYS A 35 7.82 3.39 -6.20
CA CYS A 35 7.27 2.58 -5.10
C CYS A 35 8.34 1.65 -4.56
N GLU A 36 8.30 1.38 -3.25
CA GLU A 36 9.31 0.52 -2.65
C GLU A 36 8.72 -0.58 -1.80
N TRP A 37 7.56 -1.12 -2.16
CA TRP A 37 6.98 -2.20 -1.37
C TRP A 37 8.05 -3.28 -1.11
N VAL A 38 7.68 -4.35 -0.42
CA VAL A 38 8.62 -5.46 -0.19
C VAL A 38 7.87 -6.79 -0.05
N LYS A 39 6.88 -6.79 0.82
CA LYS A 39 6.10 -7.97 1.13
C LYS A 39 4.79 -7.58 1.80
N GLY A 40 3.71 -8.25 1.42
CA GLY A 40 2.42 -7.94 2.01
C GLY A 40 2.04 -8.91 3.10
N VAL A 41 2.09 -10.21 2.78
CA VAL A 41 1.75 -11.25 3.73
C VAL A 41 2.45 -10.99 5.06
N HIS A 42 3.72 -10.65 4.98
CA HIS A 42 4.50 -10.33 6.17
C HIS A 42 4.07 -8.98 6.70
N VAL A 43 3.74 -8.07 5.78
CA VAL A 43 3.30 -6.73 6.13
C VAL A 43 1.78 -6.62 6.12
N ALA A 44 1.10 -7.67 6.58
CA ALA A 44 -0.36 -7.67 6.62
C ALA A 44 -0.92 -7.44 5.22
N GLU A 45 -0.85 -8.48 4.39
CA GLU A 45 -1.31 -8.39 3.02
C GLU A 45 -2.77 -7.96 2.89
N ASP A 46 -3.67 -8.80 3.39
CA ASP A 46 -5.11 -8.53 3.32
C ASP A 46 -5.55 -7.43 4.28
N VAL A 47 -4.62 -6.90 5.06
CA VAL A 47 -4.95 -5.85 6.02
C VAL A 47 -4.81 -4.47 5.41
N ALA A 48 -3.75 -4.27 4.63
CA ALA A 48 -3.49 -2.98 4.02
C ALA A 48 -4.29 -2.77 2.73
N LYS A 49 -4.48 -3.83 1.93
CA LYS A 49 -5.22 -3.70 0.69
C LYS A 49 -6.54 -3.00 0.89
N ASP A 50 -7.30 -3.42 1.87
CA ASP A 50 -8.58 -2.79 2.15
C ASP A 50 -8.39 -1.31 2.39
N TYR A 51 -7.20 -0.94 2.86
CA TYR A 51 -6.88 0.44 3.13
C TYR A 51 -6.93 1.26 1.84
N GLU A 52 -6.15 0.84 0.85
CA GLU A 52 -6.12 1.51 -0.44
C GLU A 52 -7.15 0.90 -1.35
N ASP A 53 -6.92 -0.36 -1.65
CA ASP A 53 -7.81 -1.14 -2.50
C ASP A 53 -9.27 -0.91 -2.10
N GLY A 54 -9.48 -0.65 -0.81
CA GLY A 54 -10.82 -0.43 -0.31
C GLY A 54 -11.18 1.06 -0.16
N LEU A 55 -10.36 1.80 0.58
CA LEU A 55 -10.63 3.22 0.78
C LEU A 55 -10.31 4.03 -0.46
N GLU A 56 -9.04 4.12 -0.83
CA GLU A 56 -8.68 4.85 -2.05
C GLU A 56 -8.90 3.95 -3.27
N TYR A 57 -10.11 3.39 -3.39
CA TYR A 57 -10.42 2.51 -4.50
C TYR A 57 -10.07 3.15 -5.84
N GLY A 1 -5.82 5.85 -11.44
CA GLY A 1 -6.90 6.86 -11.69
C GLY A 1 -7.92 6.90 -10.57
N SER A 2 -7.44 6.90 -9.34
CA SER A 2 -8.31 6.94 -8.17
C SER A 2 -7.52 7.24 -6.90
N GLN A 3 -8.05 8.13 -6.07
CA GLN A 3 -7.41 8.49 -4.82
C GLN A 3 -8.41 9.13 -3.87
N VAL A 4 -8.49 8.61 -2.65
CA VAL A 4 -9.42 9.14 -1.66
C VAL A 4 -8.78 10.24 -0.81
N PHE A 5 -8.31 9.85 0.39
CA PHE A 5 -7.71 10.77 1.32
C PHE A 5 -6.50 11.44 0.68
N GLU A 6 -5.54 11.84 1.48
CA GLU A 6 -4.34 12.44 0.98
C GLU A 6 -3.26 11.38 0.82
N TYR A 7 -3.26 10.45 1.76
CA TYR A 7 -2.33 9.33 1.79
C TYR A 7 -0.89 9.75 2.04
N ALA A 8 -0.65 10.30 3.22
CA ALA A 8 0.68 10.72 3.62
C ALA A 8 0.97 10.14 4.99
N GLU A 9 0.72 8.84 5.15
CA GLU A 9 0.95 8.20 6.43
C GLU A 9 2.42 8.23 6.75
N VAL A 10 3.23 8.11 5.70
CA VAL A 10 4.67 8.12 5.83
C VAL A 10 5.13 7.19 6.93
N ASP A 11 4.37 6.13 7.09
CA ASP A 11 4.61 5.09 8.10
C ASP A 11 3.34 4.29 8.43
N GLU A 12 2.33 4.27 7.54
CA GLU A 12 1.08 3.56 7.83
C GLU A 12 0.39 3.08 6.56
N ILE A 13 1.16 2.47 5.70
CA ILE A 13 0.72 1.95 4.40
C ILE A 13 -0.09 2.97 3.60
N VAL A 14 0.34 3.19 2.36
CA VAL A 14 -0.31 4.11 1.45
C VAL A 14 -0.90 3.33 0.29
N GLU A 15 -0.27 2.22 -0.08
CA GLU A 15 -0.79 1.47 -1.21
C GLU A 15 -0.62 -0.04 -1.09
N LYS A 16 -0.98 -0.74 -2.17
CA LYS A 16 -0.89 -2.19 -2.24
C LYS A 16 -1.11 -2.67 -3.67
N ARG A 17 -0.96 -3.98 -3.90
CA ARG A 17 -1.19 -4.55 -5.20
C ARG A 17 -0.75 -5.99 -5.18
N GLY A 18 -1.67 -6.90 -5.38
CA GLY A 18 -1.32 -8.30 -5.34
C GLY A 18 -0.70 -8.82 -6.61
N LYS A 19 0.36 -8.17 -7.06
CA LYS A 19 1.07 -8.58 -8.26
C LYS A 19 1.45 -10.06 -8.15
N GLY A 20 1.76 -10.67 -9.27
CA GLY A 20 2.13 -12.09 -9.27
C GLY A 20 3.05 -12.47 -8.13
N LYS A 21 3.99 -11.59 -7.81
CA LYS A 21 4.95 -11.86 -6.74
C LYS A 21 5.11 -10.63 -5.84
N ASP A 22 4.01 -10.17 -5.27
CA ASP A 22 4.01 -9.00 -4.38
C ASP A 22 2.59 -8.53 -4.12
N VAL A 23 2.22 -8.56 -2.85
CA VAL A 23 0.89 -8.15 -2.40
C VAL A 23 0.99 -7.58 -1.01
N GLU A 24 1.85 -6.60 -0.87
CA GLU A 24 2.10 -6.00 0.43
C GLU A 24 1.56 -4.59 0.55
N TYR A 25 1.62 -4.10 1.76
CA TYR A 25 1.09 -2.80 2.10
C TYR A 25 2.14 -1.96 2.79
N LEU A 26 2.72 -1.09 1.99
CA LEU A 26 3.79 -0.21 2.42
C LEU A 26 4.23 0.65 1.25
N VAL A 27 3.60 1.80 1.13
CA VAL A 27 3.89 2.72 0.05
C VAL A 27 3.75 4.15 0.52
N ARG A 28 4.14 4.37 1.75
CA ARG A 28 3.96 5.68 2.40
C ARG A 28 5.21 6.37 2.98
N TRP A 29 5.90 5.63 3.80
CA TRP A 29 7.05 6.09 4.52
C TRP A 29 8.12 6.80 3.69
N LYS A 30 8.99 6.03 3.09
CA LYS A 30 10.12 6.56 2.34
C LYS A 30 9.79 6.83 0.88
N ASP A 31 9.22 5.82 0.22
CA ASP A 31 8.87 5.87 -1.21
C ASP A 31 8.56 7.29 -1.70
N GLY A 32 8.87 7.51 -2.97
CA GLY A 32 8.61 8.80 -3.59
C GLY A 32 8.49 8.64 -5.09
N GLY A 33 9.54 8.07 -5.69
CA GLY A 33 9.54 7.82 -7.11
C GLY A 33 8.96 6.45 -7.43
N ASP A 34 9.32 5.47 -6.59
CA ASP A 34 8.87 4.09 -6.74
C ASP A 34 8.37 3.56 -5.39
N CYS A 35 7.50 2.57 -5.43
CA CYS A 35 6.95 1.97 -4.22
C CYS A 35 7.91 0.93 -3.65
N GLU A 36 8.05 0.91 -2.32
CA GLU A 36 8.94 -0.06 -1.67
C GLU A 36 8.14 -1.05 -0.83
N TRP A 37 6.87 -1.16 -1.11
CA TRP A 37 6.03 -2.09 -0.37
C TRP A 37 6.65 -3.51 -0.50
N VAL A 38 6.76 -4.26 0.61
CA VAL A 38 7.39 -5.59 0.56
C VAL A 38 6.37 -6.74 0.30
N LYS A 39 6.24 -7.71 1.22
CA LYS A 39 5.29 -8.83 1.09
C LYS A 39 4.18 -8.70 2.15
N GLY A 40 2.94 -8.61 1.65
CA GLY A 40 1.77 -8.44 2.51
C GLY A 40 1.44 -9.66 3.32
N VAL A 41 1.50 -10.83 2.70
CA VAL A 41 1.17 -12.08 3.39
C VAL A 41 1.77 -12.09 4.80
N HIS A 42 2.91 -11.41 4.95
CA HIS A 42 3.56 -11.28 6.23
C HIS A 42 3.14 -9.97 6.88
N VAL A 43 2.99 -8.94 6.04
CA VAL A 43 2.58 -7.62 6.49
C VAL A 43 1.05 -7.47 6.54
N ALA A 44 0.36 -8.52 7.00
CA ALA A 44 -1.10 -8.49 7.08
C ALA A 44 -1.66 -8.12 5.72
N GLU A 45 -1.59 -9.06 4.80
CA GLU A 45 -2.03 -8.83 3.44
C GLU A 45 -3.48 -8.41 3.35
N ASP A 46 -4.39 -9.20 3.91
CA ASP A 46 -5.81 -8.88 3.84
C ASP A 46 -6.24 -7.92 4.94
N VAL A 47 -5.28 -7.25 5.58
CA VAL A 47 -5.61 -6.30 6.64
C VAL A 47 -5.39 -4.88 6.15
N ALA A 48 -4.28 -4.67 5.47
CA ALA A 48 -3.94 -3.36 4.95
C ALA A 48 -4.58 -3.11 3.59
N LYS A 49 -4.99 -4.19 2.91
CA LYS A 49 -5.58 -4.06 1.59
C LYS A 49 -6.93 -3.37 1.60
N ASP A 50 -7.86 -3.91 2.37
CA ASP A 50 -9.19 -3.33 2.42
C ASP A 50 -9.14 -1.85 2.72
N TYR A 51 -8.06 -1.43 3.36
CA TYR A 51 -7.88 -0.03 3.71
C TYR A 51 -7.81 0.86 2.47
N GLU A 52 -6.85 0.55 1.61
CA GLU A 52 -6.61 1.37 0.42
C GLU A 52 -7.28 0.81 -0.82
N ASP A 53 -7.13 -0.49 -1.04
CA ASP A 53 -7.72 -1.17 -2.21
C ASP A 53 -9.08 -0.57 -2.59
N GLY A 54 -9.83 -0.10 -1.60
CA GLY A 54 -11.12 0.51 -1.86
C GLY A 54 -10.98 1.99 -2.20
N LEU A 55 -10.16 2.70 -1.44
CA LEU A 55 -9.93 4.12 -1.68
C LEU A 55 -9.19 4.33 -3.00
N GLU A 56 -7.88 4.16 -2.96
CA GLU A 56 -7.04 4.31 -4.14
C GLU A 56 -7.13 3.08 -5.05
N TYR A 57 -8.35 2.76 -5.49
CA TYR A 57 -8.57 1.59 -6.36
C TYR A 57 -7.44 1.39 -7.36
N GLY A 1 -7.51 14.95 -6.78
CA GLY A 1 -6.97 14.09 -7.87
C GLY A 1 -6.00 13.05 -7.35
N SER A 2 -6.16 11.81 -7.79
CA SER A 2 -5.28 10.72 -7.37
C SER A 2 -5.37 10.51 -5.86
N GLN A 3 -5.48 9.25 -5.45
CA GLN A 3 -5.59 8.92 -4.03
C GLN A 3 -6.84 9.53 -3.42
N VAL A 4 -7.54 8.77 -2.59
CA VAL A 4 -8.74 9.29 -1.96
C VAL A 4 -8.38 10.30 -0.87
N PHE A 5 -7.91 9.79 0.26
CA PHE A 5 -7.53 10.62 1.35
C PHE A 5 -6.28 11.41 0.96
N GLU A 6 -5.45 11.67 1.96
CA GLU A 6 -4.23 12.39 1.78
C GLU A 6 -3.09 11.44 1.44
N TYR A 7 -3.13 10.28 2.09
CA TYR A 7 -2.14 9.23 1.91
C TYR A 7 -0.73 9.71 2.24
N ALA A 8 -0.55 10.23 3.45
CA ALA A 8 0.75 10.71 3.90
C ALA A 8 1.09 10.07 5.23
N GLU A 9 0.92 8.76 5.34
CA GLU A 9 1.23 8.06 6.56
C GLU A 9 2.73 8.10 6.79
N VAL A 10 3.46 8.05 5.69
CA VAL A 10 4.91 8.10 5.71
C VAL A 10 5.48 7.18 6.75
N ASP A 11 4.82 6.05 6.89
CA ASP A 11 5.19 4.97 7.85
C ASP A 11 4.00 4.03 8.21
N GLU A 12 2.85 4.14 7.51
CA GLU A 12 1.66 3.31 7.81
C GLU A 12 0.83 2.98 6.55
N ILE A 13 1.45 2.24 5.64
CA ILE A 13 0.88 1.83 4.37
C ILE A 13 0.12 2.93 3.63
N VAL A 14 0.57 3.19 2.42
CA VAL A 14 -0.05 4.17 1.54
C VAL A 14 -0.59 3.45 0.32
N GLU A 15 -0.02 2.29 -0.04
CA GLU A 15 -0.51 1.61 -1.20
C GLU A 15 -0.54 0.10 -1.04
N LYS A 16 -0.70 -0.60 -2.17
CA LYS A 16 -0.77 -2.05 -2.19
C LYS A 16 -1.01 -2.54 -3.62
N ARG A 17 -1.57 -3.74 -3.76
CA ARG A 17 -1.89 -4.30 -5.05
C ARG A 17 -0.62 -4.62 -5.83
N GLY A 18 0.32 -5.27 -5.17
CA GLY A 18 1.57 -5.62 -5.84
C GLY A 18 1.35 -6.40 -7.11
N LYS A 19 2.41 -6.96 -7.66
CA LYS A 19 2.31 -7.72 -8.89
C LYS A 19 1.46 -8.98 -8.67
N GLY A 20 1.48 -9.88 -9.66
CA GLY A 20 0.68 -11.09 -9.57
C GLY A 20 0.96 -11.91 -8.32
N LYS A 21 2.18 -11.88 -7.83
CA LYS A 21 2.53 -12.68 -6.64
C LYS A 21 3.43 -11.92 -5.67
N ASP A 22 3.07 -10.68 -5.33
CA ASP A 22 3.86 -9.90 -4.39
C ASP A 22 3.14 -8.63 -3.94
N VAL A 23 1.95 -8.81 -3.39
CA VAL A 23 1.18 -7.69 -2.88
C VAL A 23 1.55 -7.43 -1.43
N GLU A 24 1.74 -6.16 -1.08
CA GLU A 24 2.11 -5.80 0.27
C GLU A 24 1.66 -4.36 0.54
N TYR A 25 1.71 -3.98 1.80
CA TYR A 25 1.28 -2.68 2.22
C TYR A 25 2.40 -1.92 2.89
N LEU A 26 3.05 -1.12 2.06
CA LEU A 26 4.19 -0.29 2.45
C LEU A 26 4.52 0.60 1.28
N VAL A 27 3.80 1.69 1.16
CA VAL A 27 4.04 2.61 0.08
C VAL A 27 3.89 4.03 0.55
N ARG A 28 4.20 4.24 1.82
CA ARG A 28 4.00 5.55 2.43
C ARG A 28 5.23 6.32 2.87
N TRP A 29 6.09 5.66 3.59
CA TRP A 29 7.28 6.29 4.09
C TRP A 29 8.03 7.09 3.03
N LYS A 30 8.90 6.38 2.34
CA LYS A 30 9.74 6.97 1.31
C LYS A 30 9.06 6.96 -0.04
N ASP A 31 9.21 5.85 -0.77
CA ASP A 31 8.63 5.67 -2.09
C ASP A 31 8.62 7.00 -2.87
N GLY A 32 7.62 7.20 -3.73
CA GLY A 32 7.57 8.42 -4.52
C GLY A 32 8.46 8.34 -5.74
N GLY A 33 9.75 8.09 -5.50
CA GLY A 33 10.68 7.93 -6.60
C GLY A 33 10.64 6.50 -7.10
N ASP A 34 10.74 5.58 -6.15
CA ASP A 34 10.71 4.16 -6.43
C ASP A 34 9.68 3.48 -5.52
N CYS A 35 9.25 2.30 -5.89
CA CYS A 35 8.30 1.54 -5.09
C CYS A 35 9.09 0.66 -4.12
N GLU A 36 8.65 0.60 -2.86
CA GLU A 36 9.38 -0.17 -1.87
C GLU A 36 8.47 -1.01 -0.98
N TRP A 37 7.26 -1.25 -1.43
CA TRP A 37 6.34 -2.08 -0.68
C TRP A 37 6.93 -3.51 -0.64
N VAL A 38 6.85 -4.17 0.52
CA VAL A 38 7.44 -5.50 0.69
C VAL A 38 6.45 -6.65 0.36
N LYS A 39 6.24 -7.62 1.28
CA LYS A 39 5.32 -8.73 1.09
C LYS A 39 4.14 -8.61 2.08
N GLY A 40 2.94 -8.52 1.51
CA GLY A 40 1.72 -8.37 2.27
C GLY A 40 1.40 -9.57 3.14
N VAL A 41 1.45 -10.77 2.55
CA VAL A 41 1.14 -12.01 3.28
C VAL A 41 1.73 -11.96 4.70
N HIS A 42 2.92 -11.39 4.80
CA HIS A 42 3.59 -11.24 6.06
C HIS A 42 3.22 -9.89 6.68
N VAL A 43 3.02 -8.88 5.82
CA VAL A 43 2.65 -7.56 6.27
C VAL A 43 1.13 -7.37 6.31
N ALA A 44 0.41 -8.43 6.70
CA ALA A 44 -1.06 -8.36 6.79
C ALA A 44 -1.69 -7.96 5.46
N GLU A 45 -1.49 -8.77 4.42
CA GLU A 45 -2.05 -8.46 3.11
C GLU A 45 -3.56 -8.33 3.17
N ASP A 46 -4.21 -9.29 3.83
CA ASP A 46 -5.67 -9.29 3.94
C ASP A 46 -6.20 -8.26 4.95
N VAL A 47 -5.34 -7.36 5.44
CA VAL A 47 -5.80 -6.36 6.39
C VAL A 47 -5.80 -4.98 5.76
N ALA A 48 -4.73 -4.65 5.08
CA ALA A 48 -4.61 -3.36 4.42
C ALA A 48 -5.13 -3.42 2.99
N LYS A 49 -5.42 -4.62 2.49
CA LYS A 49 -5.94 -4.75 1.12
C LYS A 49 -7.23 -3.99 0.99
N ASP A 50 -8.10 -4.18 1.95
CA ASP A 50 -9.38 -3.53 1.97
C ASP A 50 -9.26 -2.03 2.20
N TYR A 51 -8.15 -1.63 2.81
CA TYR A 51 -7.91 -0.22 3.10
C TYR A 51 -7.85 0.65 1.86
N GLU A 52 -6.93 0.32 0.97
CA GLU A 52 -6.70 1.12 -0.22
C GLU A 52 -7.57 0.67 -1.39
N ASP A 53 -7.44 -0.61 -1.75
CA ASP A 53 -8.19 -1.22 -2.86
C ASP A 53 -9.52 -0.50 -3.13
N GLY A 54 -10.22 -0.13 -2.06
CA GLY A 54 -11.47 0.59 -2.19
C GLY A 54 -11.25 2.09 -2.37
N LEU A 55 -10.45 2.68 -1.50
CA LEU A 55 -10.14 4.11 -1.57
C LEU A 55 -9.40 4.44 -2.86
N GLU A 56 -8.10 4.14 -2.89
CA GLU A 56 -7.29 4.39 -4.07
C GLU A 56 -7.24 3.16 -4.96
N TYR A 57 -8.39 2.75 -5.47
CA TYR A 57 -8.48 1.58 -6.33
C TYR A 57 -7.55 1.73 -7.53
N GLY A 1 -2.63 6.54 -7.37
CA GLY A 1 -3.82 5.93 -7.99
C GLY A 1 -5.07 6.77 -7.79
N SER A 2 -6.17 6.11 -7.45
CA SER A 2 -7.44 6.80 -7.22
C SER A 2 -7.34 7.75 -6.03
N GLN A 3 -6.74 7.26 -4.94
CA GLN A 3 -6.58 8.05 -3.73
C GLN A 3 -7.94 8.44 -3.16
N VAL A 4 -8.04 8.48 -1.83
CA VAL A 4 -9.29 8.83 -1.18
C VAL A 4 -9.08 9.37 0.23
N PHE A 5 -8.14 8.78 0.97
CA PHE A 5 -7.90 9.20 2.33
C PHE A 5 -6.88 10.34 2.32
N GLU A 6 -6.14 10.47 3.42
CA GLU A 6 -5.12 11.48 3.51
C GLU A 6 -3.86 10.96 2.82
N TYR A 7 -3.64 9.66 2.98
CA TYR A 7 -2.52 8.95 2.36
C TYR A 7 -1.16 9.58 2.70
N ALA A 8 -0.97 9.91 3.97
CA ALA A 8 0.29 10.47 4.43
C ALA A 8 0.82 9.56 5.52
N GLU A 9 0.68 8.27 5.28
CA GLU A 9 1.08 7.26 6.23
C GLU A 9 2.51 7.51 6.66
N VAL A 10 3.37 7.80 5.68
CA VAL A 10 4.78 8.07 5.93
C VAL A 10 5.32 7.11 6.96
N ASP A 11 4.80 5.90 6.88
CA ASP A 11 5.14 4.80 7.81
C ASP A 11 4.07 3.69 7.81
N GLU A 12 2.84 4.00 7.39
CA GLU A 12 1.75 3.01 7.41
C GLU A 12 1.12 2.75 6.02
N ILE A 13 1.82 1.97 5.19
CA ILE A 13 1.41 1.60 3.82
C ILE A 13 0.38 2.53 3.14
N VAL A 14 0.75 3.04 1.95
CA VAL A 14 -0.11 3.89 1.15
C VAL A 14 -0.57 3.15 -0.10
N GLU A 15 0.20 2.16 -0.54
CA GLU A 15 -0.21 1.44 -1.74
C GLU A 15 -0.14 -0.06 -1.55
N LYS A 16 -0.58 -0.82 -2.57
CA LYS A 16 -0.61 -2.28 -2.47
C LYS A 16 -1.21 -2.96 -3.70
N ARG A 17 -1.52 -4.26 -3.58
CA ARG A 17 -2.12 -5.02 -4.66
C ARG A 17 -1.07 -5.39 -5.71
N GLY A 18 -1.04 -6.65 -6.09
CA GLY A 18 -0.10 -7.10 -7.08
C GLY A 18 -0.31 -8.54 -7.52
N LYS A 19 0.80 -9.19 -7.85
CA LYS A 19 0.79 -10.58 -8.32
C LYS A 19 -0.20 -11.42 -7.53
N GLY A 20 -0.74 -12.46 -8.16
CA GLY A 20 -1.70 -13.32 -7.48
C GLY A 20 -1.26 -13.69 -6.08
N LYS A 21 0.05 -13.67 -5.84
CA LYS A 21 0.60 -14.03 -4.52
C LYS A 21 1.57 -12.97 -3.98
N ASP A 22 2.37 -12.38 -4.85
CA ASP A 22 3.36 -11.37 -4.43
C ASP A 22 2.73 -10.01 -4.19
N VAL A 23 1.77 -9.99 -3.28
CA VAL A 23 1.11 -8.76 -2.88
C VAL A 23 1.94 -8.12 -1.79
N GLU A 24 1.86 -6.82 -1.67
CA GLU A 24 2.59 -6.13 -0.64
C GLU A 24 2.10 -4.71 -0.41
N TYR A 25 2.38 -4.24 0.81
CA TYR A 25 1.92 -2.94 1.29
C TYR A 25 3.04 -2.21 1.96
N LEU A 26 3.33 -1.02 1.45
CA LEU A 26 4.42 -0.19 1.96
C LEU A 26 4.76 0.91 0.96
N VAL A 27 3.84 1.83 0.68
CA VAL A 27 4.13 2.91 -0.29
C VAL A 27 3.87 4.29 0.33
N ARG A 28 4.35 4.51 1.54
CA ARG A 28 4.08 5.77 2.22
C ARG A 28 5.27 6.39 2.92
N TRP A 29 6.02 5.55 3.57
CA TRP A 29 7.17 5.98 4.30
C TRP A 29 8.07 6.92 3.49
N LYS A 30 9.01 6.33 2.80
CA LYS A 30 9.99 7.03 2.00
C LYS A 30 9.40 7.30 0.61
N ASP A 31 9.88 6.57 -0.42
CA ASP A 31 9.35 6.70 -1.76
C ASP A 31 9.42 8.13 -2.29
N GLY A 32 9.55 8.25 -3.60
CA GLY A 32 9.59 9.54 -4.24
C GLY A 32 9.36 9.42 -5.74
N GLY A 33 10.22 8.67 -6.41
CA GLY A 33 10.08 8.47 -7.83
C GLY A 33 9.23 7.25 -8.14
N ASP A 34 9.59 6.13 -7.50
CA ASP A 34 8.89 4.86 -7.70
C ASP A 34 8.51 4.24 -6.36
N CYS A 35 7.53 3.34 -6.38
CA CYS A 35 7.08 2.66 -5.18
C CYS A 35 8.14 1.67 -4.68
N GLU A 36 8.39 1.68 -3.37
CA GLU A 36 9.39 0.80 -2.76
C GLU A 36 8.76 -0.27 -1.88
N TRP A 37 7.45 -0.22 -1.73
CA TRP A 37 6.71 -1.18 -0.90
C TRP A 37 7.17 -2.60 -1.13
N VAL A 38 7.28 -3.37 -0.06
CA VAL A 38 7.68 -4.75 -0.18
C VAL A 38 6.83 -5.59 0.77
N LYS A 39 6.52 -6.86 0.47
CA LYS A 39 5.73 -7.68 1.40
C LYS A 39 4.37 -7.08 1.77
N GLY A 40 3.41 -7.97 1.88
CA GLY A 40 2.06 -7.61 2.23
C GLY A 40 1.55 -8.52 3.29
N VAL A 41 1.59 -9.80 2.96
CA VAL A 41 1.17 -10.85 3.89
C VAL A 41 1.78 -10.60 5.26
N HIS A 42 3.05 -10.22 5.24
CA HIS A 42 3.77 -9.88 6.46
C HIS A 42 3.43 -8.45 6.86
N VAL A 43 3.29 -7.61 5.84
CA VAL A 43 2.98 -6.21 6.04
C VAL A 43 1.47 -5.94 6.03
N ALA A 44 0.70 -6.83 6.66
CA ALA A 44 -0.74 -6.67 6.71
C ALA A 44 -1.33 -6.60 5.30
N GLU A 45 -1.26 -7.70 4.59
CA GLU A 45 -1.75 -7.77 3.22
C GLU A 45 -3.24 -7.45 3.13
N ASP A 46 -4.05 -8.31 3.73
CA ASP A 46 -5.50 -8.13 3.69
C ASP A 46 -5.97 -7.17 4.78
N VAL A 47 -5.09 -6.28 5.24
CA VAL A 47 -5.43 -5.32 6.26
C VAL A 47 -5.45 -3.92 5.68
N ALA A 48 -4.51 -3.67 4.78
CA ALA A 48 -4.40 -2.37 4.14
C ALA A 48 -5.10 -2.35 2.81
N LYS A 49 -5.29 -3.51 2.21
CA LYS A 49 -5.95 -3.58 0.92
C LYS A 49 -7.32 -2.94 1.00
N ASP A 50 -8.06 -3.29 2.02
CA ASP A 50 -9.38 -2.73 2.17
C ASP A 50 -9.32 -1.22 2.27
N TYR A 51 -8.25 -0.75 2.89
CA TYR A 51 -8.02 0.66 3.04
C TYR A 51 -7.62 1.31 1.72
N GLU A 52 -6.66 0.68 1.08
CA GLU A 52 -6.12 1.18 -0.19
C GLU A 52 -6.89 0.62 -1.36
N ASP A 53 -6.75 -0.68 -1.57
CA ASP A 53 -7.45 -1.37 -2.64
C ASP A 53 -8.95 -1.05 -2.57
N GLY A 54 -9.42 -0.68 -1.37
CA GLY A 54 -10.82 -0.35 -1.19
C GLY A 54 -11.16 1.12 -1.37
N LEU A 55 -10.32 2.03 -0.87
CA LEU A 55 -10.60 3.46 -0.99
C LEU A 55 -9.76 4.07 -2.10
N GLU A 56 -8.45 4.02 -1.90
CA GLU A 56 -7.52 4.58 -2.85
C GLU A 56 -7.17 3.57 -3.94
N TYR A 57 -8.19 2.98 -4.57
CA TYR A 57 -7.97 2.00 -5.63
C TYR A 57 -7.11 2.56 -6.74
N GLY A 1 -11.43 8.73 -8.62
CA GLY A 1 -11.09 7.67 -9.61
C GLY A 1 -9.61 7.62 -9.92
N SER A 2 -8.79 7.72 -8.89
CA SER A 2 -7.33 7.68 -9.05
C SER A 2 -6.65 7.54 -7.69
N GLN A 3 -7.15 8.27 -6.70
CA GLN A 3 -6.59 8.24 -5.36
C GLN A 3 -7.54 8.91 -4.38
N VAL A 4 -7.50 8.51 -3.11
CA VAL A 4 -8.37 9.08 -2.11
C VAL A 4 -7.59 9.98 -1.13
N PHE A 5 -7.26 9.44 0.05
CA PHE A 5 -6.56 10.19 1.06
C PHE A 5 -5.24 10.73 0.54
N GLU A 6 -4.74 11.76 1.19
CA GLU A 6 -3.47 12.37 0.81
C GLU A 6 -2.40 11.29 0.69
N TYR A 7 -2.44 10.35 1.62
CA TYR A 7 -1.51 9.22 1.64
C TYR A 7 -0.09 9.63 2.01
N ALA A 8 0.04 10.21 3.20
CA ALA A 8 1.33 10.62 3.74
C ALA A 8 1.44 10.04 5.13
N GLU A 9 1.30 8.72 5.21
CA GLU A 9 1.33 8.02 6.47
C GLU A 9 2.77 7.80 6.89
N VAL A 10 3.63 7.63 5.89
CA VAL A 10 5.07 7.46 6.09
C VAL A 10 5.37 6.45 7.18
N ASP A 11 4.75 5.29 7.04
CA ASP A 11 4.90 4.17 7.98
C ASP A 11 3.63 3.28 8.02
N GLU A 12 2.50 3.79 7.50
CA GLU A 12 1.21 3.07 7.60
C GLU A 12 0.59 2.67 6.25
N ILE A 13 1.34 1.92 5.47
CA ILE A 13 0.90 1.45 4.14
C ILE A 13 0.00 2.43 3.38
N VAL A 14 0.52 2.91 2.26
CA VAL A 14 -0.16 3.83 1.39
C VAL A 14 -0.73 3.11 0.18
N GLU A 15 -0.05 2.06 -0.29
CA GLU A 15 -0.56 1.38 -1.46
C GLU A 15 -0.62 -0.14 -1.31
N LYS A 16 -0.77 -0.84 -2.45
CA LYS A 16 -0.88 -2.30 -2.45
C LYS A 16 -1.11 -2.85 -3.86
N ARG A 17 -0.89 -4.17 -4.04
CA ARG A 17 -1.13 -4.84 -5.33
C ARG A 17 -0.37 -6.16 -5.40
N GLY A 18 -1.09 -7.28 -5.49
CA GLY A 18 -0.43 -8.58 -5.54
C GLY A 18 -1.40 -9.70 -5.31
N LYS A 19 -1.27 -10.44 -4.21
CA LYS A 19 -2.24 -11.50 -3.87
C LYS A 19 -2.16 -12.71 -4.80
N GLY A 20 -2.90 -12.71 -5.90
CA GLY A 20 -2.82 -13.83 -6.81
C GLY A 20 -1.38 -14.18 -7.15
N LYS A 21 -0.51 -13.17 -7.01
CA LYS A 21 0.90 -13.31 -7.32
C LYS A 21 1.76 -12.55 -6.32
N ASP A 22 1.63 -12.85 -5.02
CA ASP A 22 2.39 -12.14 -4.02
C ASP A 22 1.94 -10.70 -3.90
N VAL A 23 1.58 -10.41 -2.66
CA VAL A 23 1.12 -9.13 -2.23
C VAL A 23 2.10 -8.44 -1.30
N GLU A 24 1.85 -7.16 -1.15
CA GLU A 24 2.66 -6.31 -0.32
C GLU A 24 2.01 -4.93 -0.18
N TYR A 25 2.14 -4.38 1.02
CA TYR A 25 1.57 -3.10 1.36
C TYR A 25 2.59 -2.28 2.08
N LEU A 26 3.05 -1.25 1.40
CA LEU A 26 4.08 -0.40 1.94
C LEU A 26 4.48 0.66 0.93
N VAL A 27 3.70 1.71 0.82
CA VAL A 27 4.02 2.75 -0.14
C VAL A 27 3.93 4.13 0.50
N ARG A 28 4.34 4.19 1.74
CA ARG A 28 4.23 5.41 2.52
C ARG A 28 5.50 5.94 3.17
N TRP A 29 6.15 5.08 3.91
CA TRP A 29 7.33 5.40 4.64
C TRP A 29 8.31 6.29 3.88
N LYS A 30 9.23 5.64 3.20
CA LYS A 30 10.28 6.31 2.45
C LYS A 30 9.78 6.67 1.04
N ASP A 31 10.33 6.00 0.02
CA ASP A 31 9.91 6.23 -1.36
C ASP A 31 9.89 7.71 -1.72
N GLY A 32 9.62 7.99 -2.99
CA GLY A 32 9.57 9.35 -3.48
C GLY A 32 9.32 9.37 -4.98
N GLY A 33 10.22 8.76 -5.73
CA GLY A 33 10.07 8.68 -7.17
C GLY A 33 9.29 7.44 -7.56
N ASP A 34 9.62 6.33 -6.91
CA ASP A 34 8.96 5.06 -7.16
C ASP A 34 8.53 4.41 -5.84
N CYS A 35 7.73 3.35 -5.92
CA CYS A 35 7.26 2.66 -4.73
C CYS A 35 8.22 1.53 -4.33
N GLU A 36 8.50 1.44 -3.02
CA GLU A 36 9.41 0.41 -2.50
C GLU A 36 8.67 -0.60 -1.64
N TRP A 37 7.36 -0.62 -1.75
CA TRP A 37 6.55 -1.54 -0.97
C TRP A 37 7.08 -2.97 -1.10
N VAL A 38 7.12 -3.68 0.01
CA VAL A 38 7.58 -5.06 0.01
C VAL A 38 6.79 -5.87 1.03
N LYS A 39 6.63 -7.16 0.79
CA LYS A 39 5.90 -8.07 1.66
C LYS A 39 4.50 -7.58 2.02
N GLY A 40 3.58 -8.52 2.13
CA GLY A 40 2.21 -8.19 2.48
C GLY A 40 1.77 -8.96 3.68
N VAL A 41 1.80 -10.28 3.57
CA VAL A 41 1.42 -11.15 4.68
C VAL A 41 2.13 -10.69 5.95
N HIS A 42 3.37 -10.27 5.78
CA HIS A 42 4.18 -9.77 6.88
C HIS A 42 3.84 -8.31 7.15
N VAL A 43 3.64 -7.56 6.08
CA VAL A 43 3.31 -6.14 6.19
C VAL A 43 1.80 -5.91 6.17
N ALA A 44 1.05 -6.76 6.86
CA ALA A 44 -0.40 -6.62 6.91
C ALA A 44 -0.97 -6.71 5.51
N GLU A 45 -1.01 -7.92 4.98
CA GLU A 45 -1.51 -8.16 3.63
C GLU A 45 -2.96 -7.71 3.48
N ASP A 46 -3.85 -8.57 3.94
CA ASP A 46 -5.27 -8.31 3.83
C ASP A 46 -5.72 -7.16 4.75
N VAL A 47 -4.82 -6.70 5.61
CA VAL A 47 -5.15 -5.61 6.51
C VAL A 47 -4.99 -4.27 5.80
N ALA A 48 -3.99 -4.20 4.95
CA ALA A 48 -3.71 -2.99 4.21
C ALA A 48 -4.54 -2.90 2.93
N LYS A 49 -4.89 -4.05 2.35
CA LYS A 49 -5.65 -4.06 1.10
C LYS A 49 -7.03 -3.40 1.26
N ASP A 50 -7.77 -3.80 2.27
CA ASP A 50 -9.08 -3.20 2.47
C ASP A 50 -8.98 -1.70 2.67
N TYR A 51 -7.86 -1.28 3.21
CA TYR A 51 -7.63 0.11 3.46
C TYR A 51 -7.49 0.94 2.19
N GLU A 52 -6.58 0.50 1.32
CA GLU A 52 -6.29 1.25 0.10
C GLU A 52 -6.92 0.65 -1.15
N ASP A 53 -6.79 -0.66 -1.31
CA ASP A 53 -7.30 -1.37 -2.48
C ASP A 53 -8.60 -0.75 -3.00
N GLY A 54 -9.43 -0.25 -2.08
CA GLY A 54 -10.67 0.38 -2.45
C GLY A 54 -10.47 1.85 -2.79
N LEU A 55 -9.70 2.54 -1.95
CA LEU A 55 -9.39 3.95 -2.14
C LEU A 55 -8.60 4.19 -3.42
N GLU A 56 -7.27 4.13 -3.32
CA GLU A 56 -6.41 4.34 -4.47
C GLU A 56 -6.26 3.05 -5.29
N TYR A 57 -7.39 2.47 -5.68
CA TYR A 57 -7.39 1.23 -6.45
C TYR A 57 -6.47 1.36 -7.66
N GLY A 1 -7.80 12.10 -8.79
CA GLY A 1 -6.98 11.03 -9.42
C GLY A 1 -5.80 10.62 -8.55
N SER A 2 -5.61 9.30 -8.42
CA SER A 2 -4.52 8.78 -7.62
C SER A 2 -4.65 9.18 -6.15
N GLN A 3 -4.50 8.20 -5.26
CA GLN A 3 -4.60 8.40 -3.80
C GLN A 3 -5.85 9.18 -3.40
N VAL A 4 -6.72 8.55 -2.63
CA VAL A 4 -7.93 9.21 -2.17
C VAL A 4 -7.60 10.38 -1.26
N PHE A 5 -7.39 10.09 0.03
CA PHE A 5 -7.06 11.10 0.98
C PHE A 5 -5.72 11.73 0.57
N GLU A 6 -4.97 12.18 1.57
CA GLU A 6 -3.68 12.78 1.35
C GLU A 6 -2.63 11.69 1.16
N TYR A 7 -2.84 10.58 1.88
CA TYR A 7 -1.94 9.43 1.83
C TYR A 7 -0.50 9.82 2.12
N ALA A 8 -0.32 10.54 3.23
CA ALA A 8 0.99 10.96 3.68
C ALA A 8 1.17 10.43 5.08
N GLU A 9 1.05 9.12 5.19
CA GLU A 9 1.18 8.46 6.46
C GLU A 9 2.66 8.30 6.77
N VAL A 10 3.42 8.12 5.69
CA VAL A 10 4.86 8.01 5.76
C VAL A 10 5.31 7.06 6.85
N ASP A 11 4.71 5.88 6.83
CA ASP A 11 5.00 4.80 7.79
C ASP A 11 3.77 3.87 7.97
N GLU A 12 2.58 4.36 7.62
CA GLU A 12 1.33 3.60 7.83
C GLU A 12 0.65 3.12 6.54
N ILE A 13 1.36 2.37 5.75
CA ILE A 13 0.86 1.84 4.47
C ILE A 13 0.03 2.85 3.65
N VAL A 14 0.47 3.13 2.44
CA VAL A 14 -0.22 4.05 1.55
C VAL A 14 -0.76 3.30 0.33
N GLU A 15 -0.14 2.17 -0.03
CA GLU A 15 -0.59 1.45 -1.21
C GLU A 15 -0.60 -0.06 -1.02
N LYS A 16 -0.77 -0.79 -2.12
CA LYS A 16 -0.79 -2.25 -2.09
C LYS A 16 -0.94 -2.85 -3.49
N ARG A 17 -1.55 -4.05 -3.57
CA ARG A 17 -1.77 -4.75 -4.83
C ARG A 17 -0.53 -5.55 -5.20
N GLY A 18 -0.69 -6.85 -5.35
CA GLY A 18 0.46 -7.69 -5.66
C GLY A 18 0.09 -9.14 -5.78
N LYS A 19 0.57 -10.01 -4.90
CA LYS A 19 0.19 -11.42 -4.97
C LYS A 19 0.72 -12.07 -6.24
N GLY A 20 0.07 -11.80 -7.36
CA GLY A 20 0.58 -12.33 -8.61
C GLY A 20 1.91 -11.67 -8.95
N LYS A 21 2.20 -10.54 -8.28
CA LYS A 21 3.41 -9.79 -8.52
C LYS A 21 3.93 -9.13 -7.23
N ASP A 22 3.84 -9.84 -6.10
CA ASP A 22 4.32 -9.28 -4.83
C ASP A 22 3.42 -8.15 -4.35
N VAL A 23 2.76 -8.42 -3.23
CA VAL A 23 1.85 -7.49 -2.58
C VAL A 23 2.38 -7.11 -1.22
N GLU A 24 1.86 -6.04 -0.66
CA GLU A 24 2.21 -5.56 0.66
C GLU A 24 1.54 -4.24 0.91
N TYR A 25 1.68 -3.77 2.11
CA TYR A 25 1.05 -2.55 2.54
C TYR A 25 2.11 -1.76 3.24
N LEU A 26 2.83 -1.05 2.39
CA LEU A 26 3.98 -0.32 2.76
C LEU A 26 4.41 0.52 1.58
N VAL A 27 3.65 1.59 1.34
CA VAL A 27 3.90 2.47 0.20
C VAL A 27 3.73 3.94 0.59
N ARG A 28 4.15 4.26 1.80
CA ARG A 28 3.96 5.60 2.37
C ARG A 28 5.23 6.34 2.83
N TRP A 29 5.97 5.68 3.69
CA TRP A 29 7.16 6.17 4.32
C TRP A 29 8.17 6.86 3.38
N LYS A 30 8.97 6.07 2.69
CA LYS A 30 10.01 6.59 1.81
C LYS A 30 9.52 6.79 0.39
N ASP A 31 8.81 5.79 -0.12
CA ASP A 31 8.29 5.80 -1.49
C ASP A 31 7.88 7.19 -1.97
N GLY A 32 8.18 7.45 -3.23
CA GLY A 32 7.85 8.71 -3.86
C GLY A 32 7.76 8.53 -5.36
N GLY A 33 8.86 8.03 -5.93
CA GLY A 33 8.90 7.77 -7.35
C GLY A 33 8.48 6.34 -7.65
N ASP A 34 8.91 5.43 -6.78
CA ASP A 34 8.59 4.00 -6.92
C ASP A 34 8.13 3.43 -5.58
N CYS A 35 7.41 2.31 -5.62
CA CYS A 35 6.91 1.67 -4.41
C CYS A 35 7.99 0.76 -3.81
N GLU A 36 8.14 0.81 -2.49
CA GLU A 36 9.14 -0.03 -1.81
C GLU A 36 8.47 -1.03 -0.87
N TRP A 37 7.15 -1.13 -0.96
CA TRP A 37 6.39 -2.06 -0.15
C TRP A 37 7.02 -3.47 -0.22
N VAL A 38 6.98 -4.21 0.89
CA VAL A 38 7.59 -5.55 0.95
C VAL A 38 6.58 -6.68 0.58
N LYS A 39 6.26 -7.59 1.53
CA LYS A 39 5.31 -8.68 1.29
C LYS A 39 4.11 -8.57 2.25
N GLY A 40 2.93 -8.46 1.66
CA GLY A 40 1.71 -8.31 2.42
C GLY A 40 1.26 -9.57 3.09
N VAL A 41 1.29 -10.67 2.34
CA VAL A 41 0.89 -11.97 2.89
C VAL A 41 1.52 -12.16 4.26
N HIS A 42 2.70 -11.57 4.43
CA HIS A 42 3.40 -11.59 5.68
C HIS A 42 3.05 -10.34 6.48
N VAL A 43 2.91 -9.23 5.75
CA VAL A 43 2.56 -7.94 6.36
C VAL A 43 1.04 -7.74 6.39
N ALA A 44 0.29 -8.77 6.78
CA ALA A 44 -1.17 -8.68 6.85
C ALA A 44 -1.73 -8.32 5.49
N GLU A 45 -1.68 -9.26 4.57
CA GLU A 45 -2.18 -9.04 3.23
C GLU A 45 -3.65 -8.65 3.21
N ASP A 46 -4.49 -9.48 3.81
CA ASP A 46 -5.91 -9.22 3.81
C ASP A 46 -6.32 -8.29 4.95
N VAL A 47 -5.40 -7.47 5.45
CA VAL A 47 -5.74 -6.56 6.54
C VAL A 47 -5.57 -5.11 6.13
N ALA A 48 -4.56 -4.84 5.31
CA ALA A 48 -4.29 -3.48 4.86
C ALA A 48 -4.95 -3.17 3.52
N LYS A 49 -5.09 -4.18 2.68
CA LYS A 49 -5.69 -4.00 1.36
C LYS A 49 -7.07 -3.40 1.42
N ASP A 50 -7.95 -4.01 2.18
CA ASP A 50 -9.31 -3.51 2.28
C ASP A 50 -9.36 -2.01 2.52
N TYR A 51 -8.38 -1.52 3.25
CA TYR A 51 -8.28 -0.10 3.54
C TYR A 51 -7.84 0.68 2.32
N GLU A 52 -6.70 0.25 1.81
CA GLU A 52 -6.05 0.90 0.70
C GLU A 52 -6.81 0.64 -0.59
N ASP A 53 -6.83 -0.62 -0.95
CA ASP A 53 -7.51 -1.12 -2.16
C ASP A 53 -8.78 -0.31 -2.45
N GLY A 54 -9.59 -0.08 -1.41
CA GLY A 54 -10.82 0.67 -1.57
C GLY A 54 -10.58 2.13 -1.85
N LEU A 55 -9.69 2.75 -1.09
CA LEU A 55 -9.36 4.15 -1.28
C LEU A 55 -8.78 4.37 -2.67
N GLU A 56 -7.49 4.07 -2.80
CA GLU A 56 -6.80 4.22 -4.08
C GLU A 56 -7.05 3.01 -4.98
N TYR A 57 -8.33 2.68 -5.19
CA TYR A 57 -8.69 1.54 -6.02
C TYR A 57 -8.26 1.76 -7.46
N GLY A 1 -8.70 14.45 -7.62
CA GLY A 1 -9.68 13.64 -8.40
C GLY A 1 -9.20 12.22 -8.64
N SER A 2 -8.68 11.58 -7.59
CA SER A 2 -8.19 10.21 -7.71
C SER A 2 -7.69 9.71 -6.36
N GLN A 3 -6.77 10.45 -5.76
CA GLN A 3 -6.21 10.07 -4.47
C GLN A 3 -7.22 10.31 -3.35
N VAL A 4 -7.44 9.33 -2.49
CA VAL A 4 -8.37 9.49 -1.39
C VAL A 4 -7.70 10.15 -0.18
N PHE A 5 -7.17 9.32 0.72
CA PHE A 5 -6.52 9.80 1.91
C PHE A 5 -5.33 10.65 1.51
N GLU A 6 -4.99 11.64 2.33
CA GLU A 6 -3.84 12.48 2.04
C GLU A 6 -2.64 11.60 1.68
N TYR A 7 -2.62 10.42 2.30
CA TYR A 7 -1.59 9.42 2.05
C TYR A 7 -0.21 9.85 2.53
N ALA A 8 -0.16 10.38 3.73
CA ALA A 8 1.08 10.78 4.36
C ALA A 8 1.19 9.99 5.63
N GLU A 9 1.14 8.68 5.48
CA GLU A 9 1.20 7.78 6.60
C GLU A 9 2.66 7.58 6.98
N VAL A 10 3.47 7.55 5.94
CA VAL A 10 4.92 7.42 6.06
C VAL A 10 5.35 6.30 6.97
N ASP A 11 4.70 5.16 6.80
CA ASP A 11 4.96 3.94 7.57
C ASP A 11 3.71 3.06 7.63
N GLU A 12 2.55 3.68 7.44
CA GLU A 12 1.26 2.98 7.54
C GLU A 12 0.60 2.70 6.20
N ILE A 13 1.30 1.97 5.37
CA ILE A 13 0.85 1.58 4.02
C ILE A 13 -0.07 2.60 3.32
N VAL A 14 0.40 3.07 2.19
CA VAL A 14 -0.30 4.03 1.36
C VAL A 14 -0.91 3.31 0.16
N GLU A 15 -0.21 2.30 -0.35
CA GLU A 15 -0.72 1.57 -1.49
C GLU A 15 -0.81 0.08 -1.23
N LYS A 16 -0.90 -0.74 -2.30
CA LYS A 16 -1.00 -2.20 -2.17
C LYS A 16 -1.30 -2.90 -3.49
N ARG A 17 -1.60 -4.22 -3.43
CA ARG A 17 -1.92 -4.99 -4.62
C ARG A 17 -0.68 -5.28 -5.46
N GLY A 18 -0.53 -6.53 -5.87
CA GLY A 18 0.62 -6.90 -6.67
C GLY A 18 0.45 -8.18 -7.49
N LYS A 19 1.55 -8.92 -7.56
CA LYS A 19 1.62 -10.15 -8.34
C LYS A 19 0.44 -11.07 -8.03
N GLY A 20 0.08 -11.90 -9.01
CA GLY A 20 -1.03 -12.82 -8.81
C GLY A 20 -0.88 -13.63 -7.53
N LYS A 21 0.34 -14.03 -7.23
CA LYS A 21 0.62 -14.82 -6.03
C LYS A 21 1.63 -14.11 -5.13
N ASP A 22 1.41 -12.82 -4.90
CA ASP A 22 2.28 -12.02 -4.06
C ASP A 22 1.79 -10.58 -4.00
N VAL A 23 1.34 -10.24 -2.81
CA VAL A 23 0.83 -8.91 -2.47
C VAL A 23 1.77 -8.25 -1.48
N GLU A 24 1.55 -6.98 -1.28
CA GLU A 24 2.35 -6.21 -0.37
C GLU A 24 1.74 -4.83 -0.16
N TYR A 25 2.01 -4.31 1.03
CA TYR A 25 1.44 -3.05 1.45
C TYR A 25 2.43 -2.18 2.16
N LEU A 26 2.82 -1.12 1.49
CA LEU A 26 3.73 -0.15 2.05
C LEU A 26 4.26 0.79 0.98
N VAL A 27 3.51 1.87 0.73
CA VAL A 27 3.87 2.87 -0.26
C VAL A 27 3.77 4.26 0.36
N ARG A 28 4.16 4.34 1.62
CA ARG A 28 4.02 5.57 2.40
C ARG A 28 5.29 6.18 2.99
N TRP A 29 6.02 5.35 3.71
CA TRP A 29 7.22 5.72 4.39
C TRP A 29 8.18 6.54 3.52
N LYS A 30 8.99 5.85 2.76
CA LYS A 30 9.97 6.49 1.89
C LYS A 30 9.31 6.80 0.55
N ASP A 31 9.41 5.85 -0.39
CA ASP A 31 8.81 5.99 -1.73
C ASP A 31 8.90 7.44 -2.23
N GLY A 32 7.93 7.89 -3.01
CA GLY A 32 8.02 9.25 -3.53
C GLY A 32 8.90 9.31 -4.77
N GLY A 33 10.11 8.78 -4.67
CA GLY A 33 10.99 8.75 -5.82
C GLY A 33 10.79 7.46 -6.59
N ASP A 34 10.78 6.37 -5.83
CA ASP A 34 10.59 5.03 -6.38
C ASP A 34 9.57 4.26 -5.53
N CYS A 35 8.97 3.21 -6.08
CA CYS A 35 8.02 2.42 -5.31
C CYS A 35 8.79 1.38 -4.49
N GLU A 36 8.36 1.13 -3.25
CA GLU A 36 9.09 0.18 -2.42
C GLU A 36 8.20 -0.69 -1.53
N TRP A 37 6.90 -0.70 -1.77
CA TRP A 37 6.04 -1.55 -0.95
C TRP A 37 6.46 -3.00 -1.15
N VAL A 38 6.85 -3.66 -0.06
CA VAL A 38 7.30 -5.03 -0.12
C VAL A 38 6.53 -5.88 0.89
N LYS A 39 6.34 -7.17 0.61
CA LYS A 39 5.62 -8.05 1.53
C LYS A 39 4.25 -7.50 1.93
N GLY A 40 3.33 -8.41 2.13
CA GLY A 40 2.00 -8.02 2.53
C GLY A 40 1.55 -8.88 3.69
N VAL A 41 1.68 -10.19 3.52
CA VAL A 41 1.31 -11.13 4.58
C VAL A 41 2.00 -10.70 5.87
N HIS A 42 3.26 -10.31 5.72
CA HIS A 42 4.03 -9.81 6.83
C HIS A 42 3.61 -8.38 7.13
N VAL A 43 3.24 -7.65 6.08
CA VAL A 43 2.79 -6.27 6.22
C VAL A 43 1.27 -6.16 6.18
N ALA A 44 0.56 -7.05 6.87
CA ALA A 44 -0.90 -7.01 6.90
C ALA A 44 -1.47 -7.06 5.49
N GLU A 45 -1.38 -8.24 4.88
CA GLU A 45 -1.83 -8.41 3.51
C GLU A 45 -3.32 -8.12 3.35
N ASP A 46 -4.14 -8.89 4.05
CA ASP A 46 -5.59 -8.74 3.98
C ASP A 46 -6.11 -7.66 4.94
N VAL A 47 -5.23 -6.73 5.32
CA VAL A 47 -5.63 -5.66 6.23
C VAL A 47 -5.51 -4.31 5.55
N ALA A 48 -4.47 -4.15 4.74
CA ALA A 48 -4.24 -2.88 4.05
C ALA A 48 -4.97 -2.82 2.71
N LYS A 49 -5.13 -3.97 2.05
CA LYS A 49 -5.81 -4.02 0.76
C LYS A 49 -7.18 -3.38 0.84
N ASP A 50 -8.08 -4.02 1.55
CA ASP A 50 -9.44 -3.53 1.69
C ASP A 50 -9.48 -2.03 1.97
N TYR A 51 -8.47 -1.55 2.65
CA TYR A 51 -8.37 -0.14 2.98
C TYR A 51 -7.99 0.71 1.76
N GLU A 52 -6.92 0.29 1.10
CA GLU A 52 -6.42 1.02 -0.07
C GLU A 52 -7.17 0.63 -1.32
N ASP A 53 -7.18 -0.67 -1.57
CA ASP A 53 -7.86 -1.26 -2.70
C ASP A 53 -9.17 -0.51 -3.05
N GLY A 54 -9.82 0.03 -2.02
CA GLY A 54 -11.05 0.77 -2.23
C GLY A 54 -10.81 2.27 -2.35
N LEU A 55 -9.94 2.80 -1.49
CA LEU A 55 -9.63 4.23 -1.50
C LEU A 55 -8.91 4.63 -2.78
N GLU A 56 -7.65 4.25 -2.87
CA GLU A 56 -6.84 4.57 -4.04
C GLU A 56 -6.88 3.41 -5.05
N TYR A 57 -8.08 3.05 -5.46
CA TYR A 57 -8.26 1.95 -6.42
C TYR A 57 -7.33 2.13 -7.62
N GLY A 1 -7.21 8.88 10.60
CA GLY A 1 -6.79 10.03 9.76
C GLY A 1 -6.36 9.61 8.36
N SER A 2 -5.54 8.56 8.29
CA SER A 2 -5.05 8.06 7.02
C SER A 2 -6.21 7.60 6.14
N GLN A 3 -6.17 8.01 4.87
CA GLN A 3 -7.22 7.66 3.92
C GLN A 3 -6.94 8.27 2.55
N VAL A 4 -7.44 7.62 1.49
CA VAL A 4 -7.28 8.07 0.08
C VAL A 4 -7.12 9.56 0.03
N PHE A 5 -8.01 10.15 0.77
CA PHE A 5 -8.10 11.60 0.93
C PHE A 5 -6.75 12.15 1.43
N GLU A 6 -6.40 11.82 2.66
CA GLU A 6 -5.11 12.25 3.22
C GLU A 6 -4.00 11.53 2.47
N TYR A 7 -3.96 10.22 2.61
CA TYR A 7 -3.02 9.40 1.90
C TYR A 7 -1.58 9.84 2.14
N ALA A 8 -1.27 10.23 3.38
CA ALA A 8 0.07 10.67 3.70
C ALA A 8 0.69 9.80 4.76
N GLU A 9 0.50 8.49 4.61
CA GLU A 9 1.03 7.52 5.52
C GLU A 9 2.48 7.83 5.78
N VAL A 10 3.24 7.85 4.69
CA VAL A 10 4.65 8.12 4.74
C VAL A 10 5.27 7.35 5.91
N ASP A 11 4.80 6.10 5.99
CA ASP A 11 5.18 5.16 7.05
C ASP A 11 4.12 4.05 7.22
N GLU A 12 2.87 4.31 6.80
CA GLU A 12 1.78 3.32 6.96
C GLU A 12 1.10 2.94 5.64
N ILE A 13 1.75 2.07 4.84
CA ILE A 13 1.25 1.60 3.55
C ILE A 13 0.34 2.56 2.78
N VAL A 14 0.75 2.87 1.55
CA VAL A 14 0.01 3.75 0.66
C VAL A 14 -0.53 2.96 -0.52
N GLU A 15 0.19 1.92 -0.94
CA GLU A 15 -0.29 1.21 -2.11
C GLU A 15 -0.27 -0.31 -2.00
N LYS A 16 -0.72 -0.94 -3.09
CA LYS A 16 -0.81 -2.39 -3.14
C LYS A 16 -1.10 -2.91 -4.55
N ARG A 17 -1.51 -4.17 -4.66
CA ARG A 17 -1.82 -4.79 -5.95
C ARG A 17 -0.56 -4.92 -6.80
N GLY A 18 0.48 -5.54 -6.22
CA GLY A 18 1.74 -5.71 -6.93
C GLY A 18 1.65 -6.57 -8.17
N LYS A 19 2.76 -7.26 -8.46
CA LYS A 19 2.85 -8.13 -9.64
C LYS A 19 1.72 -9.15 -9.66
N GLY A 20 1.58 -9.82 -10.80
CA GLY A 20 0.54 -10.82 -10.93
C GLY A 20 0.61 -11.86 -9.83
N LYS A 21 1.82 -12.22 -9.43
CA LYS A 21 2.03 -13.20 -8.38
C LYS A 21 2.89 -12.62 -7.25
N ASP A 22 2.51 -11.43 -6.78
CA ASP A 22 3.23 -10.77 -5.72
C ASP A 22 2.56 -9.45 -5.37
N VAL A 23 1.88 -9.44 -4.24
CA VAL A 23 1.18 -8.26 -3.75
C VAL A 23 1.78 -7.81 -2.44
N GLU A 24 1.76 -6.51 -2.19
CA GLU A 24 2.32 -5.97 -0.95
C GLU A 24 1.78 -4.61 -0.60
N TYR A 25 1.94 -4.27 0.67
CA TYR A 25 1.49 -3.01 1.21
C TYR A 25 2.61 -2.33 1.96
N LEU A 26 3.16 -1.34 1.31
CA LEU A 26 4.29 -0.59 1.82
C LEU A 26 4.75 0.34 0.70
N VAL A 27 3.94 1.36 0.41
CA VAL A 27 4.27 2.27 -0.68
C VAL A 27 4.05 3.74 -0.27
N ARG A 28 4.39 4.08 0.95
CA ARG A 28 4.14 5.44 1.46
C ARG A 28 5.34 6.15 2.03
N TRP A 29 6.07 5.42 2.85
CA TRP A 29 7.21 5.94 3.51
C TRP A 29 8.12 6.76 2.57
N LYS A 30 9.03 6.09 1.93
CA LYS A 30 9.98 6.71 1.02
C LYS A 30 9.34 6.84 -0.37
N ASP A 31 9.63 5.88 -1.25
CA ASP A 31 9.07 5.85 -2.59
C ASP A 31 9.09 7.22 -3.26
N GLY A 32 8.46 7.31 -4.42
CA GLY A 32 8.40 8.55 -5.17
C GLY A 32 8.02 8.28 -6.61
N GLY A 33 8.89 7.57 -7.32
CA GLY A 33 8.63 7.24 -8.71
C GLY A 33 7.87 5.92 -8.83
N ASP A 34 8.35 4.92 -8.10
CA ASP A 34 7.73 3.59 -8.12
C ASP A 34 7.49 3.09 -6.69
N CYS A 35 6.66 2.06 -6.58
CA CYS A 35 6.37 1.46 -5.28
C CYS A 35 7.57 0.68 -4.78
N GLU A 36 7.77 0.69 -3.46
CA GLU A 36 8.91 -0.02 -2.86
C GLU A 36 8.48 -0.96 -1.74
N TRP A 37 7.22 -1.37 -1.71
CA TRP A 37 6.78 -2.28 -0.65
C TRP A 37 7.66 -3.52 -0.62
N VAL A 38 7.30 -4.50 0.20
CA VAL A 38 8.08 -5.72 0.28
C VAL A 38 7.24 -6.95 -0.06
N LYS A 39 6.30 -7.24 0.82
CA LYS A 39 5.41 -8.37 0.67
C LYS A 39 4.10 -8.15 1.43
N GLY A 40 2.99 -8.44 0.78
CA GLY A 40 1.69 -8.27 1.40
C GLY A 40 1.38 -9.38 2.38
N VAL A 41 1.48 -10.63 1.92
CA VAL A 41 1.21 -11.78 2.78
C VAL A 41 1.85 -11.57 4.15
N HIS A 42 2.98 -10.87 4.14
CA HIS A 42 3.70 -10.55 5.35
C HIS A 42 3.22 -9.20 5.90
N VAL A 43 3.03 -8.23 5.00
CA VAL A 43 2.55 -6.91 5.40
C VAL A 43 1.03 -6.82 5.36
N ALA A 44 0.36 -7.90 5.76
CA ALA A 44 -1.09 -7.92 5.77
C ALA A 44 -1.68 -7.69 4.38
N GLU A 45 -1.43 -8.64 3.48
CA GLU A 45 -1.93 -8.54 2.12
C GLU A 45 -3.45 -8.41 2.07
N ASP A 46 -4.13 -9.35 2.72
CA ASP A 46 -5.58 -9.33 2.71
C ASP A 46 -6.14 -8.47 3.84
N VAL A 47 -5.36 -7.49 4.30
CA VAL A 47 -5.81 -6.60 5.37
C VAL A 47 -5.79 -5.17 4.89
N ALA A 48 -4.70 -4.78 4.27
CA ALA A 48 -4.56 -3.42 3.77
C ALA A 48 -5.24 -3.27 2.42
N LYS A 49 -5.53 -4.38 1.74
CA LYS A 49 -6.20 -4.32 0.45
C LYS A 49 -7.49 -3.55 0.58
N ASP A 50 -8.29 -3.92 1.54
CA ASP A 50 -9.54 -3.22 1.76
C ASP A 50 -9.29 -1.79 2.14
N TYR A 51 -8.15 -1.55 2.76
CA TYR A 51 -7.78 -0.22 3.17
C TYR A 51 -7.35 0.63 1.98
N GLU A 52 -6.44 0.08 1.18
CA GLU A 52 -5.88 0.80 0.03
C GLU A 52 -6.55 0.39 -1.27
N ASP A 53 -6.49 -0.89 -1.57
CA ASP A 53 -7.07 -1.42 -2.79
C ASP A 53 -8.45 -0.81 -3.08
N GLY A 54 -9.32 -0.76 -2.08
CA GLY A 54 -10.65 -0.22 -2.29
C GLY A 54 -10.85 1.20 -1.76
N LEU A 55 -9.76 1.94 -1.62
CA LEU A 55 -9.80 3.30 -1.13
C LEU A 55 -8.47 3.92 -1.44
N GLU A 56 -7.49 3.68 -0.60
CA GLU A 56 -6.17 4.20 -0.87
C GLU A 56 -5.48 3.32 -1.91
N TYR A 57 -6.10 3.20 -3.09
CA TYR A 57 -5.54 2.38 -4.16
C TYR A 57 -4.21 2.95 -4.66
N GLY A 1 -8.37 15.24 -5.00
CA GLY A 1 -8.22 14.64 -6.36
C GLY A 1 -8.28 13.12 -6.33
N SER A 2 -7.37 12.49 -7.05
CA SER A 2 -7.32 11.04 -7.11
C SER A 2 -7.07 10.44 -5.73
N GLN A 3 -6.10 10.99 -5.01
CA GLN A 3 -5.77 10.52 -3.67
C GLN A 3 -6.97 10.68 -2.73
N VAL A 4 -7.42 9.56 -2.16
CA VAL A 4 -8.57 9.59 -1.26
C VAL A 4 -8.27 10.35 0.05
N PHE A 5 -7.94 9.60 1.09
CA PHE A 5 -7.68 10.16 2.40
C PHE A 5 -6.52 11.13 2.32
N GLU A 6 -5.88 11.37 3.45
CA GLU A 6 -4.71 12.21 3.50
C GLU A 6 -3.66 11.60 2.58
N TYR A 7 -3.59 10.28 2.67
CA TYR A 7 -2.71 9.47 1.86
C TYR A 7 -1.23 9.79 2.10
N ALA A 8 -0.89 10.24 3.31
CA ALA A 8 0.50 10.56 3.66
C ALA A 8 0.93 9.67 4.80
N GLU A 9 0.58 8.39 4.69
CA GLU A 9 0.88 7.43 5.73
C GLU A 9 2.30 7.58 6.24
N VAL A 10 3.24 7.65 5.31
CA VAL A 10 4.64 7.79 5.68
C VAL A 10 4.98 6.81 6.81
N ASP A 11 4.40 5.62 6.69
CA ASP A 11 4.55 4.53 7.68
C ASP A 11 3.35 3.58 7.65
N GLU A 12 2.22 4.06 7.12
CA GLU A 12 0.97 3.27 7.13
C GLU A 12 0.37 3.00 5.74
N ILE A 13 0.97 2.06 5.03
CA ILE A 13 0.54 1.64 3.68
C ILE A 13 -0.22 2.67 2.87
N VAL A 14 0.32 2.95 1.70
CA VAL A 14 -0.28 3.88 0.77
C VAL A 14 -0.82 3.11 -0.42
N GLU A 15 -0.09 2.10 -0.84
CA GLU A 15 -0.54 1.35 -2.01
C GLU A 15 -0.46 -0.15 -1.79
N LYS A 16 -1.11 -0.91 -2.68
CA LYS A 16 -1.13 -2.37 -2.53
C LYS A 16 -1.70 -3.09 -3.75
N ARG A 17 -1.81 -4.44 -3.63
CA ARG A 17 -2.37 -5.24 -4.71
C ARG A 17 -2.96 -6.52 -4.13
N GLY A 18 -2.83 -7.65 -4.84
CA GLY A 18 -3.38 -8.87 -4.30
C GLY A 18 -3.38 -10.03 -5.27
N LYS A 19 -2.26 -10.25 -5.94
CA LYS A 19 -2.15 -11.36 -6.88
C LYS A 19 -2.38 -12.68 -6.15
N GLY A 20 -2.76 -13.71 -6.88
CA GLY A 20 -3.00 -15.00 -6.27
C GLY A 20 -1.90 -15.43 -5.31
N LYS A 21 -0.65 -15.23 -5.73
CA LYS A 21 0.49 -15.62 -4.90
C LYS A 21 1.54 -14.51 -4.83
N ASP A 22 1.11 -13.28 -4.55
CA ASP A 22 2.04 -12.16 -4.45
C ASP A 22 1.29 -10.86 -4.21
N VAL A 23 1.55 -10.29 -3.07
CA VAL A 23 0.94 -9.03 -2.66
C VAL A 23 1.86 -8.31 -1.70
N GLU A 24 1.56 -7.05 -1.46
CA GLU A 24 2.34 -6.25 -0.54
C GLU A 24 1.74 -4.88 -0.33
N TYR A 25 1.98 -4.36 0.87
CA TYR A 25 1.46 -3.08 1.30
C TYR A 25 2.52 -2.25 1.96
N LEU A 26 2.88 -1.14 1.30
CA LEU A 26 3.94 -0.27 1.81
C LEU A 26 4.39 0.75 0.78
N VAL A 27 3.59 1.76 0.45
CA VAL A 27 4.04 2.75 -0.52
C VAL A 27 3.90 4.16 0.08
N ARG A 28 4.28 4.28 1.34
CA ARG A 28 4.09 5.52 2.08
C ARG A 28 5.31 6.09 2.83
N TRP A 29 5.89 5.23 3.62
CA TRP A 29 6.99 5.53 4.48
C TRP A 29 8.14 6.34 3.85
N LYS A 30 9.04 5.65 3.21
CA LYS A 30 10.24 6.27 2.63
C LYS A 30 10.01 6.76 1.20
N ASP A 31 9.45 5.87 0.38
CA ASP A 31 9.19 6.15 -1.03
C ASP A 31 8.99 7.64 -1.35
N GLY A 32 9.49 8.03 -2.51
CA GLY A 32 9.36 9.39 -2.98
C GLY A 32 9.64 9.46 -4.46
N GLY A 33 10.82 8.97 -4.85
CA GLY A 33 11.19 8.94 -6.24
C GLY A 33 10.80 7.61 -6.86
N ASP A 34 10.90 6.55 -6.05
CA ASP A 34 10.57 5.20 -6.49
C ASP A 34 9.79 4.45 -5.42
N CYS A 35 8.97 3.49 -5.86
CA CYS A 35 8.17 2.69 -4.94
C CYS A 35 9.03 1.62 -4.26
N GLU A 36 8.71 1.30 -3.00
CA GLU A 36 9.48 0.31 -2.24
C GLU A 36 8.61 -0.66 -1.43
N TRP A 37 7.32 -0.66 -1.66
CA TRP A 37 6.44 -1.55 -0.91
C TRP A 37 6.87 -2.99 -1.08
N VAL A 38 6.97 -3.72 0.02
CA VAL A 38 7.38 -5.10 -0.05
C VAL A 38 6.62 -5.96 0.95
N LYS A 39 6.43 -7.22 0.60
CA LYS A 39 5.74 -8.17 1.47
C LYS A 39 4.34 -7.72 1.82
N GLY A 40 3.41 -8.67 1.79
CA GLY A 40 2.04 -8.39 2.15
C GLY A 40 1.59 -9.24 3.30
N VAL A 41 1.71 -10.56 3.13
CA VAL A 41 1.34 -11.50 4.18
C VAL A 41 1.99 -11.07 5.49
N HIS A 42 3.21 -10.58 5.36
CA HIS A 42 3.97 -10.09 6.51
C HIS A 42 3.48 -8.70 6.88
N VAL A 43 3.27 -7.88 5.86
CA VAL A 43 2.79 -6.51 6.05
C VAL A 43 1.27 -6.43 6.06
N ALA A 44 0.62 -7.39 6.71
CA ALA A 44 -0.84 -7.40 6.77
C ALA A 44 -1.41 -7.40 5.37
N GLU A 45 -1.31 -8.54 4.70
CA GLU A 45 -1.78 -8.66 3.33
C GLU A 45 -3.25 -8.32 3.18
N ASP A 46 -4.11 -9.10 3.84
CA ASP A 46 -5.55 -8.89 3.76
C ASP A 46 -6.04 -7.84 4.75
N VAL A 47 -5.14 -6.97 5.20
CA VAL A 47 -5.51 -5.92 6.14
C VAL A 47 -5.29 -4.56 5.51
N ALA A 48 -4.19 -4.45 4.78
CA ALA A 48 -3.82 -3.21 4.14
C ALA A 48 -4.60 -2.96 2.84
N LYS A 49 -4.91 -4.03 2.11
CA LYS A 49 -5.65 -3.90 0.85
C LYS A 49 -6.94 -3.11 1.02
N ASP A 50 -7.84 -3.63 1.83
CA ASP A 50 -9.12 -2.98 2.06
C ASP A 50 -8.96 -1.54 2.53
N TYR A 51 -7.91 -1.28 3.30
CA TYR A 51 -7.68 0.08 3.78
C TYR A 51 -7.74 1.07 2.63
N GLU A 52 -6.86 0.87 1.64
CA GLU A 52 -6.79 1.77 0.50
C GLU A 52 -7.64 1.29 -0.65
N ASP A 53 -7.20 0.18 -1.27
CA ASP A 53 -7.86 -0.45 -2.43
C ASP A 53 -8.93 0.41 -3.11
N GLY A 54 -10.05 0.63 -2.42
CA GLY A 54 -11.12 1.42 -2.99
C GLY A 54 -10.70 2.82 -3.41
N LEU A 55 -9.64 3.35 -2.80
CA LEU A 55 -9.16 4.67 -3.16
C LEU A 55 -8.71 4.68 -4.63
N GLU A 56 -7.45 5.00 -4.89
CA GLU A 56 -6.90 5.04 -6.24
C GLU A 56 -6.66 3.61 -6.75
N TYR A 57 -7.71 2.80 -6.76
CA TYR A 57 -7.61 1.41 -7.23
C TYR A 57 -6.89 1.34 -8.57
#